data_2D40
#
_entry.id   2D40
#
_cell.length_a   54.134
_cell.length_b   76.075
_cell.length_c   85.464
_cell.angle_alpha   114.08
_cell.angle_beta   94.93
_cell.angle_gamma   108.11
#
_symmetry.space_group_name_H-M   'P 1'
#
loop_
_entity.id
_entity.type
_entity.pdbx_description
1 polymer 'putative gentisate 1,2-dioxygenase'
2 non-polymer 'FE (III) ION'
3 water water
#
_entity_poly.entity_id   1
_entity_poly.type   'polypeptide(L)'
_entity_poly.pdbx_seq_one_letter_code
;(MSE)GSSHHHHHHGS(MSE)TDNNQNSREQFYQHISGQNLTPLWESLHHLVPKTPNANCAPAYWNYQEIRPLLLESGGL
IGAKEAVRRVLVLENPALRGQSSITATLYAGLQLI(MSE)PGEVAPSHRHNQSALRFIVEGKGAFTAVDGERTP(MSE)N
EGDFILTPQWRWHDHGNPGDEPVIWLDGLDLPLVNILGCGFAEDYPEEQQPVTRKEGDYLPRYAAN(MSE)LPLRHQTGN
SSPIFNYRYDRSREVLHDLTRLGDADEWDGYK(MSE)RYVNPVTGGYP(MSE)PS(MSE)GAFLQLLPKGFASRVARTTD
STIYHVVEGSGQVIIGNETFSFSAKDIFVVPTWHGVSFQTTQDSVLFSFSDRPVQEALGLFREARY
;
_entity_poly.pdbx_strand_id   A,B,C,D
#
# COMPACT_ATOMS: atom_id res chain seq x y z
N THR A 47 29.51 -9.99 -2.35
CA THR A 47 29.87 -10.08 -3.75
C THR A 47 28.86 -10.99 -4.14
N PRO A 48 28.40 -10.96 -5.43
CA PRO A 48 27.07 -11.64 -5.92
C PRO A 48 26.96 -13.08 -5.74
N ASN A 49 26.05 -13.83 -6.37
CA ASN A 49 26.37 -15.35 -6.54
C ASN A 49 25.77 -15.89 -7.81
N ALA A 50 25.09 -17.08 -7.58
CA ALA A 50 23.79 -17.41 -8.12
C ALA A 50 24.03 -18.46 -9.17
N ASN A 51 23.09 -19.44 -9.34
CA ASN A 51 23.26 -20.54 -10.26
C ASN A 51 21.97 -21.34 -10.88
N CYS A 52 21.86 -21.13 -12.20
CA CYS A 52 21.01 -21.92 -12.93
C CYS A 52 21.68 -22.28 -14.28
N ALA A 53 22.85 -21.71 -14.44
CA ALA A 53 23.46 -21.80 -15.75
C ALA A 53 22.84 -21.21 -17.04
N PRO A 54 23.61 -20.47 -17.87
CA PRO A 54 23.04 -20.08 -19.17
C PRO A 54 22.68 -21.29 -19.94
N ALA A 55 21.60 -21.24 -20.71
CA ALA A 55 21.09 -22.31 -21.54
C ALA A 55 20.50 -21.72 -22.80
N TYR A 56 20.39 -22.55 -23.82
CA TYR A 56 19.76 -22.30 -25.08
C TYR A 56 19.10 -23.54 -25.61
N TRP A 57 17.96 -23.33 -26.27
CA TRP A 57 17.31 -24.36 -26.98
C TRP A 57 16.81 -23.78 -28.34
N ASN A 58 17.08 -24.44 -29.42
CA ASN A 58 16.72 -24.07 -30.73
C ASN A 58 15.36 -24.74 -31.08
N TYR A 59 14.33 -23.95 -31.53
CA TYR A 59 13.08 -24.49 -31.80
C TYR A 59 13.07 -25.63 -32.89
N GLN A 60 13.81 -25.49 -33.97
CA GLN A 60 13.86 -26.55 -35.02
C GLN A 60 14.40 -27.99 -34.48
N GLU A 61 15.37 -27.94 -33.61
CA GLU A 61 15.89 -29.12 -32.98
C GLU A 61 15.23 -29.32 -31.59
N ILE A 62 13.92 -29.51 -31.53
CA ILE A 62 13.21 -29.71 -30.31
C ILE A 62 11.71 -29.77 -30.63
N ARG A 63 11.24 -28.96 -31.62
CA ARG A 63 9.94 -29.14 -32.24
C ARG A 63 9.57 -30.62 -32.52
N PRO A 64 10.39 -31.45 -33.09
CA PRO A 64 10.00 -32.91 -33.13
C PRO A 64 9.63 -33.68 -31.75
N LEU A 65 8.47 -33.27 -31.15
CA LEU A 65 7.72 -33.81 -29.94
C LEU A 65 6.18 -33.69 -30.25
N LEU A 83 3.99 -32.18 -23.58
CA LEU A 83 4.99 -31.36 -22.71
C LEU A 83 6.43 -31.73 -22.95
N VAL A 84 7.31 -30.76 -23.09
CA VAL A 84 8.82 -30.96 -23.18
C VAL A 84 9.34 -29.99 -22.07
N LEU A 85 9.72 -30.49 -20.87
CA LEU A 85 10.44 -29.74 -19.90
C LEU A 85 11.89 -29.43 -20.35
N GLU A 86 12.25 -28.23 -20.08
CA GLU A 86 13.60 -27.93 -20.21
C GLU A 86 14.26 -27.39 -19.00
N ASN A 87 15.50 -27.91 -18.71
CA ASN A 87 16.31 -27.70 -17.44
C ASN A 87 17.53 -27.19 -17.92
N PRO A 88 18.32 -26.39 -17.14
CA PRO A 88 19.76 -25.93 -17.53
C PRO A 88 21.02 -26.87 -17.36
N ALA A 89 21.18 -27.14 -16.08
CA ALA A 89 22.39 -27.65 -15.40
C ALA A 89 21.98 -27.79 -13.79
N LEU A 90 20.75 -28.24 -13.74
CA LEU A 90 19.94 -28.55 -12.55
C LEU A 90 19.31 -29.88 -12.94
N ARG A 91 19.82 -30.52 -14.01
CA ARG A 91 19.40 -31.88 -14.45
C ARG A 91 18.70 -32.69 -13.34
N GLY A 92 17.53 -33.19 -13.71
CA GLY A 92 16.75 -33.94 -12.74
C GLY A 92 15.72 -33.11 -11.97
N GLN A 93 15.83 -31.77 -12.05
CA GLN A 93 15.17 -30.89 -11.11
C GLN A 93 13.89 -30.26 -11.75
N SER A 94 13.55 -30.75 -12.90
CA SER A 94 12.48 -30.33 -13.68
C SER A 94 12.29 -28.81 -13.68
N SER A 95 13.38 -28.05 -13.84
CA SER A 95 13.27 -26.56 -13.63
C SER A 95 14.27 -25.71 -14.48
N ILE A 96 13.83 -24.58 -15.03
CA ILE A 96 14.54 -23.90 -16.08
C ILE A 96 15.43 -22.98 -15.30
N THR A 97 14.95 -22.59 -14.15
CA THR A 97 15.71 -21.76 -13.20
C THR A 97 15.65 -22.33 -11.81
N ALA A 98 16.35 -21.73 -10.87
CA ALA A 98 16.21 -22.25 -9.48
C ALA A 98 14.82 -22.10 -8.85
N THR A 99 14.07 -21.09 -9.27
CA THR A 99 12.67 -20.90 -8.83
C THR A 99 11.55 -21.22 -9.81
N LEU A 100 11.84 -21.14 -11.12
CA LEU A 100 10.90 -21.23 -12.19
C LEU A 100 11.03 -22.41 -13.10
N TYR A 101 9.83 -22.90 -13.58
CA TYR A 101 9.69 -24.04 -14.49
C TYR A 101 9.14 -23.55 -15.79
N ALA A 102 9.59 -24.16 -16.87
CA ALA A 102 9.24 -23.83 -18.17
C ALA A 102 9.30 -25.12 -19.10
N GLY A 103 8.42 -25.16 -20.09
CA GLY A 103 8.18 -26.22 -20.96
C GLY A 103 7.46 -25.84 -22.29
N LEU A 104 7.58 -26.68 -23.31
CA LEU A 104 6.78 -26.57 -24.41
C LEU A 104 5.58 -27.57 -24.18
N GLN A 105 4.33 -27.03 -24.15
CA GLN A 105 3.09 -27.89 -24.20
C GLN A 105 2.48 -27.88 -25.63
N LEU A 106 1.83 -29.00 -25.96
CA LEU A 106 1.21 -29.36 -27.30
C LEU A 106 -0.09 -29.91 -27.01
N ILE A 107 -1.12 -29.35 -27.62
CA ILE A 107 -2.45 -29.89 -27.51
C ILE A 107 -2.95 -30.13 -28.98
N PRO A 109 -5.30 -31.45 -32.22
CA PRO A 109 -6.77 -31.35 -32.57
C PRO A 109 -7.53 -32.48 -31.87
N GLY A 110 -8.63 -32.15 -31.20
CA GLY A 110 -9.49 -33.11 -30.55
C GLY A 110 -9.25 -33.23 -29.06
N GLU A 111 -8.21 -32.56 -28.52
CA GLU A 111 -7.93 -32.68 -27.09
C GLU A 111 -8.70 -31.67 -26.18
N VAL A 112 -9.24 -32.15 -25.10
CA VAL A 112 -9.79 -31.30 -24.05
C VAL A 112 -9.25 -31.68 -22.59
N ALA A 113 -8.68 -30.74 -21.84
CA ALA A 113 -8.27 -30.88 -20.44
C ALA A 113 -9.33 -30.42 -19.47
N PRO A 114 -9.71 -31.29 -18.53
CA PRO A 114 -10.67 -30.90 -17.46
C PRO A 114 -10.25 -29.73 -16.60
N SER A 115 -11.23 -29.11 -15.94
CA SER A 115 -10.92 -28.00 -15.10
C SER A 115 -10.28 -28.36 -13.82
N HIS A 116 -9.25 -27.54 -13.43
CA HIS A 116 -8.58 -27.65 -12.14
C HIS A 116 -8.00 -26.31 -11.63
N ARG A 117 -7.49 -26.35 -10.45
CA ARG A 117 -7.08 -25.20 -9.81
C ARG A 117 -5.80 -25.75 -9.00
N HIS A 118 -4.90 -24.81 -8.72
CA HIS A 118 -3.75 -25.05 -7.98
C HIS A 118 -3.12 -23.74 -7.65
N ASN A 119 -2.47 -23.63 -6.44
CA ASN A 119 -1.94 -22.28 -6.14
C ASN A 119 -0.51 -21.97 -6.75
N GLN A 120 -0.02 -22.83 -7.62
CA GLN A 120 1.03 -22.45 -8.54
C GLN A 120 0.53 -21.58 -9.73
N SER A 121 1.09 -20.42 -9.92
CA SER A 121 0.72 -19.48 -10.96
C SER A 121 1.39 -20.00 -12.19
N ALA A 122 0.77 -19.63 -13.28
CA ALA A 122 1.17 -20.14 -14.60
C ALA A 122 0.88 -19.22 -15.68
N LEU A 123 1.68 -19.32 -16.70
CA LEU A 123 1.54 -18.50 -17.97
C LEU A 123 1.75 -19.44 -19.08
N ARG A 124 1.18 -19.05 -20.20
CA ARG A 124 1.29 -19.69 -21.50
C ARG A 124 1.47 -18.62 -22.63
N PHE A 125 2.59 -18.62 -23.29
CA PHE A 125 2.90 -17.84 -24.43
C PHE A 125 2.77 -18.74 -25.68
N ILE A 126 1.86 -18.33 -26.62
CA ILE A 126 1.56 -19.11 -27.71
C ILE A 126 2.75 -19.11 -28.64
N VAL A 127 3.29 -20.30 -29.04
CA VAL A 127 4.40 -20.34 -30.05
C VAL A 127 3.90 -20.58 -31.45
N GLU A 128 2.87 -21.38 -31.59
CA GLU A 128 2.27 -21.72 -32.88
C GLU A 128 1.06 -22.56 -32.79
N GLY A 129 0.23 -22.36 -33.77
CA GLY A 129 -1.02 -23.00 -33.85
C GLY A 129 -2.16 -22.01 -33.63
N LYS A 130 -3.20 -22.20 -34.38
CA LYS A 130 -4.39 -21.46 -34.21
C LYS A 130 -5.50 -22.46 -33.95
N GLY A 131 -6.59 -21.98 -33.35
CA GLY A 131 -7.78 -22.78 -33.22
C GLY A 131 -8.13 -23.35 -31.88
N ALA A 132 -7.20 -23.35 -30.94
CA ALA A 132 -7.47 -23.71 -29.54
C ALA A 132 -7.86 -22.51 -28.63
N PHE A 133 -8.37 -22.82 -27.48
CA PHE A 133 -8.85 -21.87 -26.51
C PHE A 133 -8.29 -22.30 -25.10
N THR A 134 -8.06 -21.28 -24.25
CA THR A 134 -7.80 -21.49 -22.90
C THR A 134 -8.93 -21.00 -22.18
N ALA A 135 -9.23 -21.50 -20.99
CA ALA A 135 -10.34 -21.03 -20.20
C ALA A 135 -9.86 -20.72 -18.81
N VAL A 136 -10.35 -19.65 -18.22
CA VAL A 136 -10.23 -19.24 -16.88
C VAL A 136 -11.52 -18.89 -16.27
N ASP A 137 -11.83 -19.54 -15.14
CA ASP A 137 -12.93 -19.22 -14.17
C ASP A 137 -14.24 -18.94 -14.91
N GLY A 138 -14.44 -19.62 -15.99
CA GLY A 138 -15.59 -19.23 -16.73
C GLY A 138 -15.29 -18.88 -18.14
N GLU A 139 -14.54 -17.86 -18.46
CA GLU A 139 -14.58 -17.45 -19.88
C GLU A 139 -13.48 -18.03 -20.67
N ARG A 140 -13.73 -18.28 -21.94
CA ARG A 140 -12.74 -18.85 -22.82
C ARG A 140 -12.09 -17.72 -23.62
N THR A 141 -10.86 -17.98 -24.01
CA THR A 141 -10.13 -17.03 -24.86
C THR A 141 -9.43 -17.74 -25.98
N PRO A 142 -9.51 -17.24 -27.17
CA PRO A 142 -8.73 -17.83 -28.22
C PRO A 142 -7.20 -17.59 -27.98
N ASN A 144 -3.69 -17.17 -29.74
CA ASN A 144 -2.96 -16.79 -30.94
C ASN A 144 -1.52 -16.52 -30.72
N GLU A 145 -0.69 -16.76 -31.78
CA GLU A 145 0.74 -16.63 -31.77
C GLU A 145 1.18 -15.38 -30.97
N GLY A 146 1.86 -15.53 -29.84
CA GLY A 146 2.43 -14.30 -29.24
C GLY A 146 1.59 -13.74 -28.06
N ASP A 147 0.39 -14.34 -27.86
CA ASP A 147 -0.49 -14.03 -26.75
C ASP A 147 0.21 -14.50 -25.40
N PHE A 148 0.33 -13.53 -24.47
CA PHE A 148 0.71 -13.73 -23.10
C PHE A 148 -0.56 -14.05 -22.34
N ILE A 149 -0.90 -15.34 -22.19
CA ILE A 149 -2.05 -15.75 -21.39
C ILE A 149 -1.64 -16.25 -20.02
N LEU A 150 -2.49 -16.02 -19.12
CA LEU A 150 -2.21 -16.50 -17.83
C LEU A 150 -3.36 -17.27 -17.05
N THR A 151 -3.01 -18.22 -16.16
CA THR A 151 -4.03 -18.84 -15.37
C THR A 151 -3.74 -18.50 -14.02
N PRO A 152 -4.37 -17.55 -13.53
CA PRO A 152 -4.06 -17.07 -12.22
C PRO A 152 -4.21 -18.21 -11.12
N GLN A 153 -3.45 -17.96 -10.03
CA GLN A 153 -3.31 -18.81 -8.91
C GLN A 153 -4.60 -19.56 -8.57
N TRP A 154 -5.32 -19.26 -7.57
CA TRP A 154 -6.28 -20.33 -7.11
C TRP A 154 -7.62 -20.16 -7.89
N ARG A 155 -7.56 -20.27 -9.22
CA ARG A 155 -8.69 -20.07 -10.13
C ARG A 155 -8.72 -21.13 -11.25
N TRP A 156 -9.93 -21.62 -11.51
CA TRP A 156 -10.17 -22.83 -12.30
C TRP A 156 -9.77 -22.52 -13.73
N HIS A 157 -9.20 -23.52 -14.41
CA HIS A 157 -8.65 -23.46 -15.73
C HIS A 157 -8.70 -24.78 -16.50
N ASP A 158 -8.82 -24.66 -17.80
CA ASP A 158 -8.93 -25.83 -18.71
C ASP A 158 -8.71 -25.33 -20.06
N HIS A 159 -8.52 -26.20 -21.04
CA HIS A 159 -8.26 -25.76 -22.42
C HIS A 159 -8.57 -26.77 -23.49
N GLY A 160 -8.82 -26.38 -24.74
CA GLY A 160 -9.21 -27.28 -25.81
C GLY A 160 -8.87 -26.90 -27.21
N ASN A 161 -8.86 -27.86 -28.11
CA ASN A 161 -8.53 -27.67 -29.45
C ASN A 161 -9.58 -28.32 -30.35
N PRO A 162 -10.71 -27.63 -30.56
CA PRO A 162 -11.81 -28.15 -31.47
C PRO A 162 -11.50 -27.91 -33.00
N GLY A 163 -10.31 -27.43 -33.25
CA GLY A 163 -9.78 -27.10 -34.55
C GLY A 163 -8.83 -28.21 -35.14
N ASP A 164 -8.42 -28.08 -36.44
CA ASP A 164 -7.36 -28.77 -37.03
C ASP A 164 -6.18 -28.04 -36.40
N GLU A 165 -4.97 -28.40 -36.85
CA GLU A 165 -3.78 -27.64 -36.40
C GLU A 165 -3.41 -27.97 -34.95
N PRO A 166 -2.21 -28.45 -34.78
CA PRO A 166 -1.62 -28.60 -33.42
C PRO A 166 -1.17 -27.23 -32.81
N VAL A 167 -1.37 -27.05 -31.52
CA VAL A 167 -1.22 -25.78 -30.84
C VAL A 167 -0.22 -26.03 -29.77
N ILE A 168 0.85 -25.33 -29.88
CA ILE A 168 1.94 -25.37 -28.98
C ILE A 168 2.15 -23.93 -28.36
N TRP A 169 2.59 -23.97 -27.13
CA TRP A 169 2.87 -22.83 -26.34
C TRP A 169 3.93 -23.08 -25.31
N LEU A 170 4.40 -22.05 -24.67
CA LEU A 170 5.40 -22.05 -23.63
C LEU A 170 4.79 -21.86 -22.27
N ASP A 171 5.10 -22.82 -21.41
CA ASP A 171 4.61 -22.85 -20.10
C ASP A 171 5.53 -22.23 -19.19
N GLY A 172 5.02 -21.49 -18.29
CA GLY A 172 5.86 -20.90 -17.20
C GLY A 172 5.10 -21.08 -15.88
N LEU A 173 5.76 -21.65 -14.89
CA LEU A 173 5.22 -21.88 -13.54
C LEU A 173 6.22 -21.72 -12.50
N ASP A 174 5.76 -21.17 -11.39
CA ASP A 174 6.58 -20.94 -10.22
C ASP A 174 6.56 -22.20 -9.31
N LEU A 175 6.42 -23.37 -9.95
CA LEU A 175 6.66 -24.66 -9.29
C LEU A 175 7.82 -24.76 -8.37
N PRO A 176 9.02 -24.63 -8.84
CA PRO A 176 10.16 -24.89 -7.89
C PRO A 176 10.05 -24.00 -6.64
N LEU A 177 9.62 -22.75 -6.84
CA LEU A 177 9.46 -21.76 -5.76
C LEU A 177 8.41 -22.15 -4.78
N VAL A 178 7.25 -22.57 -5.24
CA VAL A 178 6.23 -23.00 -4.26
C VAL A 178 6.60 -24.34 -3.53
N ASN A 179 7.37 -25.24 -4.14
CA ASN A 179 7.78 -26.39 -3.47
C ASN A 179 8.76 -26.04 -2.36
N ILE A 180 9.72 -25.13 -2.61
CA ILE A 180 10.64 -24.81 -1.48
C ILE A 180 9.98 -24.05 -0.37
N LEU A 181 8.94 -23.24 -0.68
CA LEU A 181 8.13 -22.47 0.29
C LEU A 181 7.12 -23.30 1.01
N GLY A 182 6.69 -24.36 0.39
CA GLY A 182 5.74 -25.28 1.02
C GLY A 182 4.28 -24.99 0.82
N CYS A 183 3.87 -24.54 -0.32
CA CYS A 183 2.53 -23.99 -0.43
C CYS A 183 1.75 -24.63 -1.52
N GLY A 184 2.09 -25.85 -1.88
CA GLY A 184 1.55 -26.51 -3.00
C GLY A 184 0.21 -27.20 -2.58
N PHE A 185 -0.96 -26.66 -3.07
CA PHE A 185 -2.27 -27.34 -3.01
C PHE A 185 -2.82 -27.35 -4.43
N ALA A 186 -3.74 -28.23 -4.67
CA ALA A 186 -4.42 -28.43 -5.99
C ALA A 186 -5.62 -29.27 -5.85
N GLU A 187 -6.55 -29.03 -6.73
CA GLU A 187 -7.79 -29.79 -6.80
C GLU A 187 -8.50 -29.71 -8.13
N ASP A 188 -9.40 -30.70 -8.29
CA ASP A 188 -10.11 -30.97 -9.51
C ASP A 188 -11.44 -30.31 -9.41
N TYR A 189 -11.92 -29.78 -10.55
CA TYR A 189 -13.28 -29.35 -10.62
C TYR A 189 -14.21 -30.58 -10.29
N PRO A 190 -15.10 -30.36 -9.33
CA PRO A 190 -16.10 -31.40 -8.91
C PRO A 190 -17.26 -31.66 -9.93
N GLN A 193 -15.99 -30.29 -15.83
CA GLN A 193 -15.56 -29.15 -16.58
C GLN A 193 -15.69 -27.71 -16.00
N GLN A 194 -16.68 -26.95 -16.33
CA GLN A 194 -16.94 -25.69 -15.61
C GLN A 194 -17.60 -24.97 -16.68
N PRO A 195 -18.89 -24.71 -16.48
CA PRO A 195 -19.72 -23.97 -17.48
C PRO A 195 -19.18 -22.61 -17.76
N VAL A 196 -19.29 -22.19 -19.02
CA VAL A 196 -18.82 -20.89 -19.44
C VAL A 196 -19.23 -19.61 -18.63
N THR A 197 -20.48 -19.28 -18.34
CA THR A 197 -20.73 -17.96 -17.54
C THR A 197 -20.45 -16.59 -18.17
N ARG A 198 -19.32 -16.50 -18.84
CA ARG A 198 -18.90 -15.18 -19.38
C ARG A 198 -18.62 -15.35 -20.85
N LYS A 199 -19.41 -14.56 -21.62
CA LYS A 199 -19.11 -14.44 -22.99
C LYS A 199 -17.60 -14.22 -23.30
N GLU A 200 -17.13 -14.95 -24.30
CA GLU A 200 -15.78 -14.80 -24.71
C GLU A 200 -15.53 -13.32 -25.07
N GLY A 201 -14.45 -12.76 -24.61
CA GLY A 201 -14.16 -11.40 -24.95
C GLY A 201 -14.57 -10.48 -23.80
N ASP A 202 -15.18 -11.06 -22.78
CA ASP A 202 -15.75 -10.29 -21.66
C ASP A 202 -14.71 -9.37 -21.00
N TYR A 203 -13.56 -9.95 -20.70
CA TYR A 203 -12.55 -9.14 -19.93
C TYR A 203 -12.01 -7.87 -20.62
N LEU A 204 -12.06 -7.74 -21.95
CA LEU A 204 -11.41 -6.65 -22.59
C LEU A 204 -12.00 -5.33 -22.36
N PRO A 205 -13.32 -5.11 -22.47
CA PRO A 205 -13.91 -3.83 -21.99
C PRO A 205 -14.01 -3.69 -20.45
N ARG A 206 -14.11 -4.84 -19.82
CA ARG A 206 -14.23 -4.73 -18.41
C ARG A 206 -12.99 -4.29 -17.71
N TYR A 207 -11.86 -4.84 -18.09
CA TYR A 207 -10.58 -4.53 -17.41
C TYR A 207 -9.42 -4.04 -18.28
N ALA A 208 -9.55 -4.08 -19.63
CA ALA A 208 -8.44 -3.77 -20.47
C ALA A 208 -8.53 -2.41 -21.16
N ALA A 209 -9.46 -1.54 -20.86
CA ALA A 209 -9.65 -0.21 -21.60
C ALA A 209 -9.65 0.92 -20.68
N ASN A 210 -8.71 0.92 -19.69
CA ASN A 210 -8.47 2.02 -18.80
C ASN A 210 -9.57 2.41 -17.93
N LEU A 212 -12.69 0.49 -15.10
CA LEU A 212 -12.92 -0.66 -14.27
C LEU A 212 -14.27 -0.55 -13.62
N PRO A 213 -14.88 -1.67 -13.31
CA PRO A 213 -16.22 -1.69 -12.64
C PRO A 213 -16.06 -1.08 -11.23
N LEU A 214 -17.09 -0.42 -10.71
CA LEU A 214 -16.90 0.33 -9.46
C LEU A 214 -16.95 -0.64 -8.34
N ARG A 215 -17.56 -1.81 -8.57
CA ARG A 215 -17.79 -2.77 -7.45
C ARG A 215 -17.26 -4.14 -8.00
N HIS A 216 -15.96 -4.35 -7.85
CA HIS A 216 -15.36 -5.60 -8.34
C HIS A 216 -14.36 -5.96 -7.20
N GLN A 217 -14.29 -7.25 -6.92
CA GLN A 217 -13.34 -7.75 -5.99
C GLN A 217 -12.47 -8.73 -6.66
N THR A 218 -11.38 -8.30 -7.27
CA THR A 218 -10.38 -9.37 -7.76
C THR A 218 -9.47 -9.58 -6.51
N GLY A 219 -8.43 -10.35 -6.73
CA GLY A 219 -7.36 -10.38 -5.81
C GLY A 219 -5.99 -10.19 -6.38
N ASN A 220 -5.19 -11.21 -6.04
CA ASN A 220 -3.76 -11.12 -5.96
C ASN A 220 -3.19 -10.92 -7.44
N SER A 221 -4.05 -11.25 -8.42
CA SER A 221 -3.67 -11.36 -9.80
C SER A 221 -4.58 -10.72 -10.77
N SER A 222 -4.13 -10.64 -11.96
CA SER A 222 -4.75 -9.67 -12.92
C SER A 222 -5.98 -10.29 -13.64
N PRO A 223 -7.08 -9.53 -13.78
CA PRO A 223 -8.29 -10.02 -14.38
C PRO A 223 -8.08 -10.06 -15.88
N ILE A 224 -6.98 -9.55 -16.45
CA ILE A 224 -6.71 -9.73 -17.85
C ILE A 224 -5.97 -11.03 -18.11
N PHE A 225 -6.61 -12.09 -18.59
CA PHE A 225 -5.81 -13.33 -18.65
C PHE A 225 -5.28 -13.58 -20.06
N ASN A 226 -5.52 -12.69 -21.00
CA ASN A 226 -4.91 -12.72 -22.29
C ASN A 226 -4.40 -11.35 -22.71
N TYR A 227 -3.09 -11.15 -22.66
CA TYR A 227 -2.52 -9.90 -23.19
C TYR A 227 -2.13 -10.30 -24.54
N ARG A 228 -2.97 -9.88 -25.45
CA ARG A 228 -2.79 -10.21 -26.86
C ARG A 228 -1.61 -9.53 -27.61
N TYR A 229 -1.00 -10.29 -28.51
CA TYR A 229 0.11 -9.87 -29.24
C TYR A 229 -0.26 -8.83 -30.29
N ASP A 230 -1.44 -8.85 -30.81
CA ASP A 230 -1.74 -7.88 -31.75
C ASP A 230 -1.66 -6.55 -31.04
N ARG A 231 -2.27 -6.48 -29.87
CA ARG A 231 -2.19 -5.31 -29.08
C ARG A 231 -0.78 -4.95 -28.55
N SER A 232 -0.07 -5.94 -28.03
CA SER A 232 1.20 -5.75 -27.41
C SER A 232 2.28 -5.57 -28.43
N ARG A 233 2.34 -6.32 -29.50
CA ARG A 233 3.30 -6.01 -30.61
C ARG A 233 3.14 -4.54 -31.24
N GLU A 234 1.95 -3.99 -31.34
CA GLU A 234 1.70 -2.60 -31.72
C GLU A 234 2.05 -1.54 -30.73
N VAL A 235 1.99 -1.76 -29.44
CA VAL A 235 2.68 -0.92 -28.54
C VAL A 235 4.14 -0.85 -28.97
N LEU A 236 4.90 -1.92 -28.96
CA LEU A 236 6.31 -1.80 -29.13
C LEU A 236 6.63 -1.05 -30.41
N HIS A 237 5.75 -1.21 -31.37
CA HIS A 237 5.95 -0.72 -32.77
C HIS A 237 5.69 0.71 -32.82
N ASP A 238 4.61 1.16 -32.16
CA ASP A 238 4.29 2.68 -32.00
C ASP A 238 5.35 3.39 -31.29
N LEU A 239 5.96 2.73 -30.26
CA LEU A 239 7.05 3.23 -29.47
C LEU A 239 8.29 3.52 -30.23
N THR A 240 8.59 2.79 -31.32
CA THR A 240 9.81 3.08 -32.14
C THR A 240 9.68 4.43 -32.94
N ARG A 241 8.50 4.81 -33.28
CA ARG A 241 8.35 6.12 -33.95
C ARG A 241 8.14 7.21 -33.03
N LEU A 242 8.28 7.02 -31.73
CA LEU A 242 8.23 8.11 -30.78
C LEU A 242 9.55 8.44 -30.09
N GLY A 243 10.55 7.56 -30.16
CA GLY A 243 11.73 7.96 -29.50
C GLY A 243 12.90 7.02 -29.56
N ASP A 244 13.95 7.33 -28.83
CA ASP A 244 15.05 6.54 -28.70
C ASP A 244 14.70 5.21 -28.03
N ALA A 245 15.53 4.23 -28.37
CA ALA A 245 15.41 2.96 -27.87
C ALA A 245 16.30 2.97 -26.65
N ASP A 246 15.89 2.34 -25.59
CA ASP A 246 16.78 2.22 -24.47
C ASP A 246 18.10 1.58 -24.92
N GLU A 247 19.20 1.93 -24.29
CA GLU A 247 20.43 1.40 -24.91
C GLU A 247 20.83 0.06 -24.53
N TRP A 248 20.28 -0.43 -23.46
CA TRP A 248 20.43 -1.83 -22.98
C TRP A 248 19.30 -2.77 -23.50
N ASP A 249 18.05 -2.28 -23.50
CA ASP A 249 16.90 -3.08 -23.67
C ASP A 249 16.16 -2.93 -25.04
N GLY A 250 16.38 -1.82 -25.71
CA GLY A 250 15.64 -1.45 -26.87
C GLY A 250 14.36 -0.86 -26.38
N TYR A 251 13.18 -1.25 -26.92
CA TYR A 251 11.86 -0.74 -26.51
C TYR A 251 11.20 -1.83 -25.71
N LYS A 252 11.31 -1.69 -24.38
CA LYS A 252 10.85 -2.76 -23.52
C LYS A 252 9.70 -2.26 -22.65
N ARG A 254 6.62 -3.75 -19.57
CA ARG A 254 6.20 -4.72 -18.68
C ARG A 254 4.68 -4.81 -18.75
N TYR A 255 4.17 -6.08 -18.77
CA TYR A 255 2.74 -6.28 -18.71
C TYR A 255 2.18 -5.91 -17.31
N VAL A 256 1.01 -5.34 -17.21
CA VAL A 256 0.55 -4.77 -16.02
C VAL A 256 -0.91 -5.19 -15.69
N ASN A 257 -1.15 -5.48 -14.40
CA ASN A 257 -2.40 -5.68 -13.85
C ASN A 257 -3.04 -4.41 -13.70
N PRO A 258 -4.22 -4.18 -14.31
CA PRO A 258 -4.87 -2.83 -14.30
C PRO A 258 -5.50 -2.44 -12.96
N VAL A 259 -5.72 -3.46 -12.14
CA VAL A 259 -6.44 -3.22 -10.80
C VAL A 259 -5.51 -2.67 -9.85
N THR A 260 -4.23 -2.95 -10.04
CA THR A 260 -3.17 -2.64 -9.02
C THR A 260 -1.99 -1.98 -9.57
N GLY A 261 -1.82 -1.94 -10.95
CA GLY A 261 -0.61 -1.38 -11.59
C GLY A 261 0.62 -2.21 -11.50
N GLY A 262 0.46 -3.38 -10.91
CA GLY A 262 1.54 -4.31 -10.45
C GLY A 262 1.85 -5.36 -11.53
N TYR A 263 2.53 -6.37 -11.16
CA TYR A 263 2.73 -7.58 -12.01
C TYR A 263 1.45 -8.37 -12.16
N PRO A 264 1.32 -9.06 -13.32
CA PRO A 264 0.14 -9.84 -13.60
C PRO A 264 -0.13 -10.96 -12.55
N PRO A 266 1.51 -12.61 -8.76
CA PRO A 266 2.36 -12.14 -7.66
C PRO A 266 3.87 -12.64 -7.69
N SER A 267 4.12 -13.88 -8.19
CA SER A 267 5.39 -14.52 -8.15
C SER A 267 6.22 -14.36 -9.41
N GLY A 269 7.02 -11.97 -13.04
CA GLY A 269 6.98 -10.85 -13.94
C GLY A 269 7.16 -11.25 -15.46
N ALA A 270 6.68 -10.44 -16.34
CA ALA A 270 6.65 -10.79 -17.72
C ALA A 270 6.92 -9.48 -18.43
N PHE A 271 7.78 -9.49 -19.47
CA PHE A 271 8.17 -8.37 -20.25
C PHE A 271 8.14 -8.69 -21.73
N LEU A 272 7.95 -7.64 -22.56
CA LEU A 272 8.10 -7.73 -23.99
C LEU A 272 9.11 -6.70 -24.45
N GLN A 273 9.92 -7.02 -25.47
CA GLN A 273 10.91 -6.06 -25.93
C GLN A 273 11.27 -6.16 -27.46
N LEU A 274 11.40 -5.01 -28.12
CA LEU A 274 11.75 -4.95 -29.50
C LEU A 274 13.14 -4.41 -29.56
N LEU A 275 13.95 -5.15 -30.32
CA LEU A 275 15.35 -4.78 -30.50
C LEU A 275 15.61 -4.53 -31.96
N PRO A 276 15.62 -3.29 -32.40
CA PRO A 276 15.57 -3.00 -33.86
C PRO A 276 16.71 -3.73 -34.61
N LYS A 277 16.53 -3.89 -35.97
CA LYS A 277 17.49 -4.55 -36.75
C LYS A 277 18.76 -3.67 -36.67
N GLY A 278 19.89 -4.28 -36.31
CA GLY A 278 21.22 -3.77 -36.44
C GLY A 278 21.69 -3.36 -35.06
N PHE A 279 20.77 -3.47 -34.09
CA PHE A 279 20.96 -3.02 -32.69
C PHE A 279 22.13 -3.81 -31.99
N ALA A 280 22.83 -3.12 -31.13
CA ALA A 280 23.90 -3.72 -30.36
C ALA A 280 23.84 -2.98 -29.11
N SER A 281 23.19 -3.56 -28.12
CA SER A 281 22.95 -2.97 -26.89
C SER A 281 24.20 -2.94 -25.97
N ARG A 282 24.11 -2.18 -24.93
CA ARG A 282 25.07 -2.20 -23.92
C ARG A 282 24.86 -3.46 -22.91
N VAL A 283 25.91 -3.81 -22.13
CA VAL A 283 25.76 -4.90 -21.17
C VAL A 283 24.97 -4.45 -19.97
N ALA A 284 24.01 -5.30 -19.53
CA ALA A 284 23.29 -5.12 -18.26
C ALA A 284 23.26 -6.39 -17.37
N ARG A 285 23.21 -6.20 -16.06
CA ARG A 285 22.87 -7.33 -15.15
C ARG A 285 21.63 -7.07 -14.32
N THR A 286 20.92 -8.15 -13.90
CA THR A 286 19.84 -8.12 -12.87
C THR A 286 19.94 -9.32 -11.94
N THR A 287 19.24 -9.21 -10.81
CA THR A 287 19.20 -10.29 -9.95
C THR A 287 18.24 -11.34 -10.34
N ASP A 288 17.35 -11.06 -11.23
CA ASP A 288 16.28 -12.02 -11.51
C ASP A 288 16.62 -12.84 -12.72
N SER A 289 16.98 -14.07 -12.50
CA SER A 289 17.31 -14.98 -13.61
C SER A 289 16.14 -15.01 -14.65
N THR A 290 16.38 -14.94 -15.95
CA THR A 290 15.38 -14.63 -16.87
C THR A 290 15.25 -15.57 -18.03
N ILE A 291 14.00 -15.87 -18.37
CA ILE A 291 13.75 -16.82 -19.42
C ILE A 291 13.30 -15.98 -20.61
N TYR A 292 13.99 -16.09 -21.72
CA TYR A 292 13.71 -15.33 -22.91
C TYR A 292 13.15 -16.21 -24.00
N HIS A 293 12.15 -15.73 -24.68
CA HIS A 293 11.59 -16.38 -25.79
C HIS A 293 11.68 -15.48 -27.00
N VAL A 294 12.21 -15.97 -28.14
CA VAL A 294 12.22 -15.18 -29.31
C VAL A 294 10.89 -15.34 -30.07
N VAL A 295 10.02 -14.40 -29.93
CA VAL A 295 8.79 -14.49 -30.71
C VAL A 295 8.92 -14.27 -32.23
N GLU A 296 9.91 -13.47 -32.54
CA GLU A 296 10.26 -13.17 -33.91
C GLU A 296 11.55 -12.51 -33.97
N GLY A 297 12.25 -12.67 -35.10
CA GLY A 297 13.59 -12.07 -35.32
C GLY A 297 14.79 -13.00 -35.23
N SER A 298 15.97 -12.37 -35.24
CA SER A 298 17.20 -13.13 -35.20
C SER A 298 18.44 -12.29 -34.81
N GLY A 299 19.47 -12.98 -34.27
CA GLY A 299 20.65 -12.20 -33.90
C GLY A 299 21.48 -13.00 -32.97
N GLN A 300 22.25 -12.33 -32.14
CA GLN A 300 23.24 -12.94 -31.27
C GLN A 300 22.99 -12.41 -29.87
N VAL A 301 23.36 -13.27 -28.86
CA VAL A 301 23.14 -12.81 -27.48
C VAL A 301 24.33 -13.13 -26.75
N ILE A 302 24.67 -12.30 -25.75
CA ILE A 302 25.88 -12.50 -24.91
C ILE A 302 25.49 -12.62 -23.44
N ILE A 303 25.48 -13.82 -22.92
CA ILE A 303 25.19 -14.16 -21.53
C ILE A 303 26.43 -14.56 -20.71
N GLY A 304 26.94 -13.61 -19.92
CA GLY A 304 28.13 -13.75 -19.08
C GLY A 304 29.12 -14.82 -19.53
N ASN A 305 29.86 -14.56 -20.59
CA ASN A 305 30.77 -15.68 -20.93
C ASN A 305 30.25 -16.77 -21.97
N GLU A 306 28.99 -16.70 -22.38
CA GLU A 306 28.42 -17.47 -23.46
C GLU A 306 27.63 -16.65 -24.52
N THR A 307 27.59 -17.14 -25.71
CA THR A 307 27.05 -16.39 -26.77
C THR A 307 26.29 -17.44 -27.55
N PHE A 308 25.08 -17.06 -28.01
CA PHE A 308 24.27 -17.87 -28.78
C PHE A 308 23.80 -17.14 -29.97
N SER A 309 23.72 -17.86 -31.08
CA SER A 309 22.91 -17.39 -32.22
C SER A 309 21.47 -17.80 -32.02
N PHE A 310 20.53 -16.83 -32.27
CA PHE A 310 19.11 -17.14 -32.11
C PHE A 310 18.30 -16.75 -33.28
N SER A 311 17.14 -17.37 -33.36
CA SER A 311 16.17 -17.36 -34.40
C SER A 311 14.80 -17.56 -33.72
N ALA A 312 13.81 -17.34 -34.54
CA ALA A 312 12.37 -17.45 -34.17
C ALA A 312 12.05 -18.62 -33.41
N LYS A 313 11.39 -18.36 -32.27
CA LYS A 313 10.94 -19.39 -31.27
C LYS A 313 11.97 -19.96 -30.26
N ASP A 314 13.24 -19.61 -30.41
CA ASP A 314 14.27 -20.20 -29.51
C ASP A 314 14.05 -19.71 -28.12
N ILE A 315 14.68 -20.39 -27.23
CA ILE A 315 14.56 -20.05 -25.89
C ILE A 315 15.97 -20.03 -25.22
N PHE A 316 16.27 -18.98 -24.37
CA PHE A 316 17.50 -18.94 -23.66
C PHE A 316 17.40 -18.43 -22.21
N VAL A 317 18.29 -18.82 -21.28
CA VAL A 317 18.11 -18.34 -19.96
C VAL A 317 19.27 -17.43 -19.55
N VAL A 318 18.94 -16.33 -18.92
CA VAL A 318 20.03 -15.41 -18.46
C VAL A 318 20.04 -15.50 -16.97
N PRO A 319 21.00 -16.23 -16.40
CA PRO A 319 21.06 -16.37 -14.95
C PRO A 319 21.50 -15.06 -14.19
N THR A 320 21.09 -14.98 -12.92
CA THR A 320 21.45 -13.83 -12.12
C THR A 320 22.82 -13.26 -12.20
N TRP A 321 22.89 -11.96 -12.38
CA TRP A 321 24.18 -11.34 -12.41
C TRP A 321 25.11 -11.82 -13.54
N HIS A 322 24.52 -12.34 -14.57
CA HIS A 322 25.15 -12.54 -15.85
C HIS A 322 24.92 -11.50 -16.84
N GLY A 323 25.99 -11.01 -17.39
CA GLY A 323 25.85 -9.83 -18.32
C GLY A 323 25.12 -10.16 -19.60
N VAL A 324 23.93 -9.57 -19.85
CA VAL A 324 23.30 -9.77 -21.13
C VAL A 324 23.46 -8.58 -22.10
N SER A 325 23.56 -8.89 -23.37
CA SER A 325 23.56 -7.87 -24.40
C SER A 325 23.16 -8.57 -25.66
N PHE A 326 22.48 -7.86 -26.56
CA PHE A 326 22.08 -8.47 -27.77
C PHE A 326 22.63 -7.76 -29.03
N GLN A 327 22.75 -8.55 -30.12
CA GLN A 327 23.20 -8.01 -31.43
C GLN A 327 22.22 -8.44 -32.41
N THR A 328 21.41 -7.58 -33.01
CA THR A 328 20.36 -8.07 -33.84
C THR A 328 20.51 -7.72 -35.29
N THR A 329 20.11 -8.64 -36.11
CA THR A 329 19.82 -8.52 -37.55
C THR A 329 18.32 -8.74 -37.59
N GLN A 330 17.60 -8.03 -38.30
CA GLN A 330 16.15 -8.16 -38.13
C GLN A 330 15.56 -7.59 -36.82
N ASP A 331 14.42 -6.96 -36.90
CA ASP A 331 13.68 -6.54 -35.79
C ASP A 331 13.24 -7.81 -35.12
N SER A 332 13.65 -7.99 -33.86
CA SER A 332 13.46 -9.14 -33.08
C SER A 332 12.56 -8.79 -31.84
N VAL A 333 11.55 -9.59 -31.59
CA VAL A 333 10.72 -9.39 -30.43
C VAL A 333 10.97 -10.48 -29.42
N LEU A 334 11.53 -10.08 -28.26
CA LEU A 334 11.83 -10.92 -27.10
C LEU A 334 10.79 -10.86 -25.91
N PHE A 335 10.07 -11.92 -25.66
CA PHE A 335 9.27 -12.11 -24.49
C PHE A 335 10.09 -12.79 -23.45
N SER A 336 10.00 -12.35 -22.25
CA SER A 336 10.68 -13.10 -21.12
C SER A 336 9.94 -12.94 -19.89
N PHE A 337 10.41 -13.66 -18.91
CA PHE A 337 9.83 -13.62 -17.58
C PHE A 337 10.70 -14.11 -16.54
N SER A 338 10.36 -13.81 -15.31
CA SER A 338 11.27 -14.16 -14.17
C SER A 338 10.53 -14.09 -12.87
N ASP A 339 11.25 -14.23 -11.79
CA ASP A 339 10.67 -14.15 -10.39
C ASP A 339 11.01 -12.77 -9.73
N ARG A 340 11.14 -11.77 -10.57
CA ARG A 340 11.36 -10.42 -10.10
C ARG A 340 10.47 -9.97 -9.04
N PRO A 341 9.19 -10.24 -9.11
CA PRO A 341 8.22 -9.65 -8.11
C PRO A 341 8.53 -10.13 -6.79
N VAL A 342 9.05 -11.38 -6.66
CA VAL A 342 9.30 -11.83 -5.34
C VAL A 342 10.54 -11.10 -4.72
N GLN A 343 11.53 -10.83 -5.54
CA GLN A 343 12.78 -10.13 -5.15
C GLN A 343 12.41 -8.67 -4.86
N GLU A 344 11.57 -8.06 -5.68
CA GLU A 344 11.16 -6.67 -5.32
C GLU A 344 10.32 -6.65 -4.04
N ALA A 345 9.59 -7.69 -3.80
CA ALA A 345 8.75 -7.74 -2.63
C ALA A 345 9.64 -7.88 -1.40
N LEU A 346 10.75 -8.57 -1.54
CA LEU A 346 11.70 -8.72 -0.39
C LEU A 346 12.86 -7.75 -0.34
N GLY A 347 12.75 -6.68 -1.09
CA GLY A 347 13.75 -5.69 -1.12
C GLY A 347 15.08 -6.21 -1.56
N LEU A 348 15.13 -7.26 -2.41
CA LEU A 348 16.41 -7.89 -2.90
C LEU A 348 16.71 -7.65 -4.38
N PHE A 349 15.81 -7.06 -5.16
CA PHE A 349 16.14 -6.80 -6.55
C PHE A 349 17.17 -5.78 -6.72
N ARG A 350 18.08 -6.03 -7.66
CA ARG A 350 19.18 -5.16 -7.97
C ARG A 350 19.52 -5.14 -9.50
N GLU A 351 19.72 -3.94 -10.05
CA GLU A 351 20.06 -3.77 -11.45
C GLU A 351 21.40 -2.92 -11.68
N ALA A 352 22.22 -3.34 -12.57
CA ALA A 352 23.39 -2.60 -12.94
C ALA A 352 23.44 -2.50 -14.44
N ARG A 353 23.49 -1.27 -14.91
CA ARG A 353 23.43 -0.99 -16.34
C ARG A 353 24.80 -0.36 -16.75
N TYR A 354 25.70 -1.12 -17.41
CA TYR A 354 27.07 -0.69 -17.70
C TYR A 354 27.14 -0.04 -19.10
N PRO B 48 -26.45 12.77 7.20
CA PRO B 48 -25.51 13.83 6.76
C PRO B 48 -26.22 15.11 6.35
N ASN B 49 -25.60 16.29 6.47
CA ASN B 49 -26.19 17.61 6.09
C ASN B 49 -26.01 17.92 4.62
N ALA B 50 -24.80 17.63 4.22
CA ALA B 50 -24.36 18.09 2.91
C ALA B 50 -24.78 19.64 2.55
N ASN B 51 -23.78 20.53 2.54
CA ASN B 51 -24.15 21.91 2.16
C ASN B 51 -23.86 22.03 0.62
N CYS B 52 -24.79 21.54 -0.22
CA CYS B 52 -25.19 22.21 -1.50
C CYS B 52 -26.53 21.67 -1.80
N ALA B 53 -27.14 22.20 -2.84
CA ALA B 53 -28.42 21.72 -3.34
C ALA B 53 -28.43 21.10 -4.71
N PRO B 54 -29.53 20.40 -4.99
CA PRO B 54 -29.76 19.86 -6.36
C PRO B 54 -29.69 20.97 -7.39
N ALA B 55 -29.03 20.78 -8.51
CA ALA B 55 -29.06 21.87 -9.50
C ALA B 55 -29.00 21.23 -10.84
N TYR B 56 -29.53 21.97 -11.80
CA TYR B 56 -29.49 21.56 -13.15
C TYR B 56 -29.30 22.83 -13.94
N TRP B 57 -28.55 22.73 -15.00
CA TRP B 57 -28.43 23.77 -15.99
C TRP B 57 -28.71 23.26 -17.33
N ASN B 58 -29.57 23.91 -18.06
CA ASN B 58 -29.90 23.56 -19.42
C ASN B 58 -28.76 24.04 -20.37
N TYR B 59 -28.06 23.17 -21.05
CA TYR B 59 -27.04 23.69 -21.88
C TYR B 59 -27.80 24.51 -22.90
N GLN B 60 -27.22 25.42 -23.59
CA GLN B 60 -28.14 25.94 -24.61
C GLN B 60 -29.19 26.77 -23.97
N GLU B 61 -28.81 27.90 -23.45
CA GLU B 61 -29.45 28.53 -22.33
C GLU B 61 -28.20 28.42 -21.52
N ILE B 62 -27.50 29.52 -21.22
CA ILE B 62 -26.13 29.34 -20.65
C ILE B 62 -25.06 29.38 -21.79
N ARG B 63 -25.25 28.56 -22.80
CA ARG B 63 -24.34 28.53 -23.90
C ARG B 63 -23.98 29.92 -24.52
N PRO B 64 -24.99 30.73 -24.84
CA PRO B 64 -24.80 32.07 -25.37
C PRO B 64 -24.39 33.24 -24.33
N LEU B 83 -14.82 31.96 -20.28
CA LEU B 83 -15.33 31.08 -19.17
C LEU B 83 -16.65 31.34 -18.33
N VAL B 84 -17.48 30.34 -17.95
CA VAL B 84 -18.82 30.43 -17.18
C VAL B 84 -18.91 29.54 -16.01
N LEU B 85 -19.22 30.12 -14.88
CA LEU B 85 -19.17 29.42 -13.57
C LEU B 85 -20.40 28.85 -13.18
N GLU B 86 -20.31 27.72 -12.54
CA GLU B 86 -21.48 27.00 -12.27
C GLU B 86 -21.54 27.03 -10.80
N ASN B 87 -22.40 27.89 -10.26
CA ASN B 87 -22.69 28.02 -8.78
C ASN B 87 -24.15 27.48 -8.38
N PRO B 88 -24.35 26.64 -7.38
CA PRO B 88 -25.72 26.25 -6.86
C PRO B 88 -26.22 27.25 -5.77
N ALA B 89 -27.36 27.14 -5.00
CA ALA B 89 -27.41 27.70 -3.55
C ALA B 89 -26.11 27.69 -2.52
N LEU B 90 -24.92 27.95 -3.03
CA LEU B 90 -23.79 28.44 -2.26
C LEU B 90 -23.37 29.76 -2.98
N ARG B 91 -24.32 30.53 -3.47
CA ARG B 91 -24.20 31.94 -3.98
C ARG B 91 -22.96 32.71 -3.50
N GLY B 92 -22.16 33.16 -4.44
CA GLY B 92 -20.82 33.68 -4.08
C GLY B 92 -19.59 32.76 -3.86
N GLN B 93 -19.76 31.50 -3.51
CA GLN B 93 -18.60 30.67 -3.06
C GLN B 93 -17.96 30.30 -4.40
N SER B 94 -18.58 30.52 -5.56
CA SER B 94 -17.92 30.10 -6.79
C SER B 94 -17.54 28.55 -6.81
N SER B 95 -18.57 27.71 -6.56
CA SER B 95 -18.36 26.24 -6.37
C SER B 95 -19.65 25.50 -6.61
N ILE B 96 -19.70 24.58 -7.57
CA ILE B 96 -20.83 23.84 -7.88
C ILE B 96 -21.17 22.86 -6.74
N THR B 97 -20.27 22.61 -5.82
CA THR B 97 -20.47 21.66 -4.66
C THR B 97 -19.74 22.27 -3.52
N ALA B 98 -19.84 21.74 -2.29
CA ALA B 98 -18.86 22.30 -1.27
C ALA B 98 -17.36 22.02 -1.40
N THR B 99 -17.02 21.08 -2.23
CA THR B 99 -15.66 20.82 -2.48
C THR B 99 -14.99 21.04 -3.83
N LEU B 100 -15.82 21.02 -4.88
CA LEU B 100 -15.34 21.13 -6.19
C LEU B 100 -15.89 22.39 -6.83
N TYR B 101 -15.17 22.84 -7.88
CA TYR B 101 -15.68 23.84 -8.82
C TYR B 101 -15.94 23.22 -10.18
N ALA B 102 -16.94 23.69 -10.83
CA ALA B 102 -17.29 23.34 -12.26
C ALA B 102 -17.73 24.64 -13.06
N GLY B 103 -17.42 24.61 -14.36
CA GLY B 103 -17.75 25.66 -15.24
C GLY B 103 -17.50 25.30 -16.70
N LEU B 104 -18.05 26.09 -17.63
CA LEU B 104 -17.73 25.93 -19.05
C LEU B 104 -16.56 26.83 -19.37
N GLN B 105 -15.73 26.43 -20.30
CA GLN B 105 -14.67 27.29 -20.82
C GLN B 105 -14.77 27.33 -22.33
N LEU B 106 -14.57 28.49 -22.92
CA LEU B 106 -14.59 28.70 -24.44
C LEU B 106 -13.25 29.19 -24.85
N ILE B 107 -12.84 28.74 -25.99
CA ILE B 107 -11.57 29.05 -26.54
C ILE B 107 -11.95 29.37 -28.05
N PRO B 109 -11.44 30.62 -31.88
CA PRO B 109 -10.42 30.34 -32.93
C PRO B 109 -9.15 31.20 -32.95
N GLY B 110 -8.01 30.54 -32.94
CA GLY B 110 -6.71 31.20 -32.92
C GLY B 110 -6.28 31.71 -31.57
N GLU B 111 -6.96 31.37 -30.49
CA GLU B 111 -6.56 31.85 -29.20
C GLU B 111 -5.65 30.77 -28.64
N VAL B 112 -4.55 31.15 -27.97
CA VAL B 112 -3.63 30.29 -27.24
C VAL B 112 -3.43 30.87 -25.86
N ALA B 113 -3.58 30.04 -24.82
CA ALA B 113 -3.27 30.38 -23.40
C ALA B 113 -1.87 30.03 -22.99
N PRO B 114 -1.25 30.88 -22.13
CA PRO B 114 0.13 30.58 -21.72
C PRO B 114 0.13 29.40 -20.80
N SER B 115 1.24 28.71 -20.79
CA SER B 115 1.45 27.63 -19.99
C SER B 115 1.59 28.03 -18.51
N HIS B 116 0.94 27.21 -17.62
CA HIS B 116 1.02 27.40 -16.18
C HIS B 116 0.65 26.10 -15.36
N ARG B 117 0.82 26.18 -14.06
CA ARG B 117 0.66 25.06 -13.16
C ARG B 117 0.29 25.48 -11.72
N HIS B 118 -0.36 24.55 -11.04
CA HIS B 118 -0.93 24.85 -9.72
C HIS B 118 -1.17 23.48 -9.08
N ASN B 119 -1.16 23.41 -7.80
CA ASN B 119 -1.30 22.14 -7.17
C ASN B 119 -2.85 21.75 -7.03
N GLN B 120 -3.71 22.61 -7.53
CA GLN B 120 -5.09 22.22 -7.77
C GLN B 120 -5.19 21.30 -8.96
N SER B 121 -6.04 20.27 -8.80
CA SER B 121 -6.26 19.25 -9.81
C SER B 121 -7.34 19.79 -10.75
N ALA B 122 -7.38 19.30 -11.97
CA ALA B 122 -8.42 19.73 -12.89
C ALA B 122 -8.65 18.75 -13.97
N LEU B 123 -9.83 18.71 -14.48
CA LEU B 123 -10.12 17.91 -15.60
C LEU B 123 -10.82 18.83 -16.57
N ARG B 124 -11.02 18.36 -17.83
CA ARG B 124 -11.85 19.03 -18.83
C ARG B 124 -12.56 17.94 -19.63
N PHE B 125 -13.87 18.02 -19.78
CA PHE B 125 -14.69 17.11 -20.61
C PHE B 125 -15.16 17.89 -21.78
N ILE B 126 -14.68 17.55 -22.92
CA ILE B 126 -15.09 18.32 -24.08
C ILE B 126 -16.55 18.23 -24.41
N VAL B 127 -17.22 19.43 -24.41
CA VAL B 127 -18.64 19.61 -24.87
C VAL B 127 -18.82 19.62 -26.37
N GLU B 128 -18.04 20.35 -27.09
CA GLU B 128 -18.19 20.52 -28.56
C GLU B 128 -17.08 21.28 -29.07
N GLY B 129 -16.95 21.19 -30.38
CA GLY B 129 -15.88 21.88 -31.04
C GLY B 129 -14.74 20.94 -31.39
N LYS B 130 -14.41 20.89 -32.67
CA LYS B 130 -13.31 20.08 -33.27
C LYS B 130 -12.15 21.10 -33.50
N GLY B 131 -10.93 20.67 -33.81
CA GLY B 131 -9.75 21.50 -33.89
C GLY B 131 -9.36 21.66 -32.49
N ALA B 132 -8.40 22.47 -32.20
CA ALA B 132 -7.96 22.55 -30.76
C ALA B 132 -7.33 21.38 -30.01
N PHE B 133 -6.50 21.66 -29.00
CA PHE B 133 -5.68 20.74 -28.22
C PHE B 133 -5.37 21.29 -26.83
N THR B 134 -4.90 20.41 -25.93
CA THR B 134 -4.49 20.72 -24.62
C THR B 134 -3.15 20.11 -24.58
N ALA B 135 -2.12 20.84 -24.00
CA ALA B 135 -0.82 20.31 -23.79
C ALA B 135 -0.51 20.09 -22.20
N VAL B 136 0.13 18.99 -21.91
CA VAL B 136 0.52 18.66 -20.59
C VAL B 136 1.93 18.27 -20.59
N ASP B 137 2.73 19.04 -19.93
CA ASP B 137 4.11 18.75 -19.65
C ASP B 137 4.88 18.26 -20.81
N GLY B 138 4.67 18.81 -21.93
CA GLY B 138 5.45 18.26 -23.00
C GLY B 138 4.70 17.87 -24.28
N GLU B 139 3.44 17.42 -24.13
CA GLU B 139 2.77 16.80 -25.21
C GLU B 139 1.44 17.33 -25.34
N ARG B 140 0.99 17.44 -26.58
CA ARG B 140 -0.40 17.87 -26.70
C ARG B 140 -1.34 16.88 -27.23
N THR B 141 -2.58 17.04 -26.95
CA THR B 141 -3.55 16.07 -27.33
C THR B 141 -4.69 16.83 -27.95
N PRO B 142 -5.22 16.32 -29.06
CA PRO B 142 -6.45 16.86 -29.60
C PRO B 142 -7.65 16.79 -28.59
N ASN B 144 -11.56 16.25 -28.49
CA ASN B 144 -12.71 15.77 -29.28
C ASN B 144 -13.87 15.58 -28.29
N GLU B 145 -15.05 15.76 -28.78
CA GLU B 145 -16.28 15.70 -28.01
C GLU B 145 -16.22 14.46 -27.11
N GLY B 146 -16.36 14.71 -25.80
CA GLY B 146 -16.57 13.56 -24.92
C GLY B 146 -15.25 13.07 -24.31
N ASP B 147 -14.12 13.55 -24.83
CA ASP B 147 -12.81 13.22 -24.22
C ASP B 147 -12.67 13.81 -22.70
N PHE B 148 -12.27 12.91 -21.83
CA PHE B 148 -11.89 13.17 -20.41
C PHE B 148 -10.36 13.53 -20.32
N ILE B 149 -10.07 14.81 -20.43
CA ILE B 149 -8.72 15.28 -20.38
C ILE B 149 -8.30 15.68 -18.95
N LEU B 150 -7.07 15.36 -18.55
CA LEU B 150 -6.57 15.64 -17.16
C LEU B 150 -5.35 16.60 -17.30
N THR B 151 -5.28 17.50 -16.34
CA THR B 151 -4.17 18.41 -16.10
C THR B 151 -3.75 18.15 -14.63
N PRO B 152 -2.98 17.05 -14.42
CA PRO B 152 -2.54 16.68 -13.07
C PRO B 152 -1.88 17.87 -12.33
N GLN B 153 -1.97 17.84 -11.01
CA GLN B 153 -1.42 18.82 -10.25
C GLN B 153 0.07 18.90 -10.32
N TRP B 154 0.56 20.10 -10.19
CA TRP B 154 1.91 20.46 -10.46
C TRP B 154 2.55 20.03 -11.82
N ARG B 155 1.79 20.06 -12.89
CA ARG B 155 2.34 19.79 -14.22
C ARG B 155 1.88 20.98 -15.11
N TRP B 156 2.86 21.57 -15.78
CA TRP B 156 2.58 22.61 -16.72
C TRP B 156 1.45 22.18 -17.69
N HIS B 157 0.57 23.11 -17.95
CA HIS B 157 -0.55 22.90 -18.95
C HIS B 157 -0.84 24.19 -19.69
N ASP B 158 -1.25 24.04 -20.93
CA ASP B 158 -1.83 25.07 -21.73
C ASP B 158 -2.71 24.45 -22.82
N HIS B 159 -3.16 25.30 -23.68
CA HIS B 159 -3.98 24.85 -24.75
C HIS B 159 -4.00 25.79 -25.90
N GLY B 160 -4.57 25.40 -27.01
CA GLY B 160 -4.88 26.36 -28.10
C GLY B 160 -5.73 25.82 -29.20
N ASN B 161 -6.50 26.60 -29.98
CA ASN B 161 -6.89 26.01 -31.33
C ASN B 161 -6.50 26.88 -32.54
N PRO B 162 -5.67 26.28 -33.33
CA PRO B 162 -5.33 26.81 -34.65
C PRO B 162 -6.36 26.44 -35.75
N GLY B 163 -7.63 26.27 -35.43
CA GLY B 163 -8.67 25.88 -36.33
C GLY B 163 -9.82 26.83 -36.23
N ASP B 164 -10.87 26.65 -37.05
CA ASP B 164 -12.14 27.46 -36.93
C ASP B 164 -12.97 27.00 -35.76
N GLU B 165 -14.15 27.44 -35.64
CA GLU B 165 -14.94 26.90 -34.53
C GLU B 165 -14.56 27.08 -33.10
N PRO B 166 -15.60 27.52 -32.36
CA PRO B 166 -15.58 27.62 -30.93
C PRO B 166 -15.38 26.23 -30.27
N VAL B 167 -14.57 26.16 -29.20
CA VAL B 167 -14.30 24.89 -28.49
C VAL B 167 -14.79 25.02 -27.03
N ILE B 168 -15.94 24.37 -26.72
CA ILE B 168 -16.41 24.42 -25.35
C ILE B 168 -16.01 23.14 -24.52
N TRP B 169 -15.75 23.35 -23.25
CA TRP B 169 -15.45 22.23 -22.38
C TRP B 169 -15.86 22.34 -21.00
N LEU B 170 -16.20 21.29 -20.31
CA LEU B 170 -16.65 21.36 -18.86
C LEU B 170 -15.41 21.26 -18.00
N ASP B 171 -15.30 22.26 -17.10
CA ASP B 171 -14.13 22.40 -16.20
C ASP B 171 -14.52 21.83 -14.87
N GLY B 172 -13.58 21.06 -14.30
CA GLY B 172 -13.70 20.50 -12.96
C GLY B 172 -12.41 20.67 -12.19
N LEU B 173 -12.48 21.27 -11.01
CA LEU B 173 -11.29 21.52 -10.17
C LEU B 173 -11.65 21.42 -8.75
N ASP B 174 -10.59 21.26 -8.00
CA ASP B 174 -10.76 21.01 -6.53
C ASP B 174 -10.58 22.29 -5.65
N LEU B 175 -10.74 23.46 -6.24
CA LEU B 175 -10.46 24.69 -5.58
C LEU B 175 -11.07 24.94 -4.19
N PRO B 176 -12.29 24.63 -3.99
CA PRO B 176 -12.86 24.86 -2.66
C PRO B 176 -12.14 24.01 -1.64
N LEU B 177 -11.96 22.73 -1.99
CA LEU B 177 -11.17 21.80 -1.18
C LEU B 177 -9.81 22.25 -0.86
N VAL B 178 -9.02 22.71 -1.81
CA VAL B 178 -7.75 23.17 -1.54
C VAL B 178 -7.68 24.46 -0.71
N ASN B 179 -8.59 25.40 -0.84
CA ASN B 179 -8.54 26.56 0.04
C ASN B 179 -8.85 26.18 1.47
N ILE B 180 -9.86 25.32 1.57
CA ILE B 180 -10.32 24.94 2.87
C ILE B 180 -9.20 24.25 3.43
N LEU B 181 -8.39 23.59 2.58
CA LEU B 181 -7.17 22.83 3.26
C LEU B 181 -5.92 23.62 3.45
N GLY B 182 -5.81 24.67 2.73
CA GLY B 182 -4.65 25.60 2.71
C GLY B 182 -3.46 25.07 1.91
N CYS B 183 -3.60 24.70 0.63
CA CYS B 183 -2.49 24.10 -0.07
C CYS B 183 -2.36 24.68 -1.46
N GLY B 184 -2.88 25.87 -1.64
CA GLY B 184 -2.86 26.47 -2.97
C GLY B 184 -1.42 27.01 -3.29
N PHE B 185 -0.65 26.38 -4.19
CA PHE B 185 0.52 27.02 -4.74
C PHE B 185 0.25 27.14 -6.30
N ALA B 186 0.86 28.10 -6.92
CA ALA B 186 0.77 28.21 -8.32
C ALA B 186 1.92 29.03 -8.98
N GLU B 187 2.36 28.59 -10.20
CA GLU B 187 3.37 29.21 -11.04
C GLU B 187 3.00 29.63 -12.50
N ASP B 188 3.33 30.87 -12.89
CA ASP B 188 3.29 31.27 -14.35
C ASP B 188 4.67 31.02 -15.02
N TYR B 189 4.79 29.75 -15.54
CA TYR B 189 5.71 29.24 -16.56
C TYR B 189 6.56 30.26 -17.15
N PRO B 190 7.76 30.30 -16.52
CA PRO B 190 8.96 30.86 -17.14
C PRO B 190 9.41 30.16 -18.51
N PRO B 195 6.48 24.48 -25.88
CA PRO B 195 7.78 23.82 -25.62
C PRO B 195 7.46 22.26 -25.60
N VAL B 196 7.61 21.62 -26.76
CA VAL B 196 7.12 20.20 -27.03
C VAL B 196 7.80 19.05 -26.37
N THR B 197 8.87 18.52 -26.90
CA THR B 197 9.60 17.42 -26.19
C THR B 197 8.97 16.02 -26.31
N ARG B 198 7.73 16.00 -26.77
CA ARG B 198 6.99 14.75 -26.88
C ARG B 198 5.94 14.73 -27.98
N LYS B 199 6.04 13.76 -28.84
CA LYS B 199 5.12 13.63 -29.92
C LYS B 199 3.68 13.33 -29.56
N GLU B 200 2.72 13.79 -30.32
CA GLU B 200 1.36 13.66 -29.90
C GLU B 200 0.91 12.17 -29.98
N GLY B 201 0.11 11.73 -28.96
CA GLY B 201 -0.25 10.30 -28.88
C GLY B 201 0.88 9.47 -28.19
N ASP B 202 1.92 10.11 -27.65
CA ASP B 202 2.98 9.36 -26.94
C ASP B 202 2.41 8.50 -25.78
N TYR B 203 1.65 9.12 -24.86
CA TYR B 203 1.05 8.35 -23.79
C TYR B 203 0.21 7.08 -24.15
N LEU B 204 -0.29 6.98 -25.36
CA LEU B 204 -1.27 5.92 -25.65
C LEU B 204 -0.64 4.50 -25.58
N PRO B 205 0.44 4.23 -26.28
CA PRO B 205 1.20 2.92 -26.13
C PRO B 205 2.05 2.87 -24.87
N ARG B 206 2.45 4.04 -24.39
CA ARG B 206 3.33 4.01 -23.28
C ARG B 206 2.66 3.63 -22.03
N TYR B 207 1.43 4.13 -21.84
CA TYR B 207 0.60 3.91 -20.63
C TYR B 207 -0.76 3.23 -20.76
N ALA B 208 -1.39 3.37 -21.96
CA ALA B 208 -2.74 2.92 -22.03
C ALA B 208 -3.02 1.64 -22.75
N ALA B 209 -2.00 0.83 -22.99
CA ALA B 209 -2.17 -0.48 -23.52
C ALA B 209 -1.72 -1.67 -22.58
N ASN B 210 -2.18 -1.68 -21.33
CA ASN B 210 -1.91 -2.67 -20.34
C ASN B 210 -0.49 -3.02 -20.11
N LEU B 212 3.60 -0.96 -19.21
CA LEU B 212 4.20 0.16 -18.70
C LEU B 212 5.72 0.09 -18.87
N PRO B 213 6.43 1.22 -18.96
CA PRO B 213 7.92 1.28 -18.91
C PRO B 213 8.46 0.69 -17.58
N LEU B 214 9.68 0.19 -17.66
CA LEU B 214 10.23 -0.54 -16.52
C LEU B 214 10.58 0.33 -15.33
N ARG B 215 11.09 1.52 -15.61
CA ARG B 215 11.59 2.41 -14.59
C ARG B 215 10.68 3.65 -14.43
N HIS B 216 9.39 3.44 -14.64
CA HIS B 216 8.40 4.48 -14.65
C HIS B 216 8.65 5.48 -13.43
N GLN B 217 8.12 5.13 -12.27
CA GLN B 217 8.06 6.17 -11.18
C GLN B 217 7.27 7.53 -11.52
N THR B 218 6.19 7.66 -10.84
CA THR B 218 5.39 8.86 -10.86
C THR B 218 4.68 8.70 -9.51
N GLY B 219 3.91 9.71 -9.31
CA GLY B 219 2.83 9.64 -8.34
C GLY B 219 1.75 10.75 -8.44
N ASN B 220 0.64 10.47 -7.79
CA ASN B 220 -0.26 11.47 -7.46
C ASN B 220 -0.55 12.00 -8.86
N SER B 221 -1.05 11.09 -9.71
CA SER B 221 -1.38 11.46 -11.02
C SER B 221 -1.32 10.32 -12.04
N SER B 222 -2.35 10.20 -12.84
CA SER B 222 -2.36 9.29 -13.96
C SER B 222 -1.54 9.82 -15.24
N PRO B 223 -0.51 9.14 -15.66
CA PRO B 223 0.18 9.53 -16.82
C PRO B 223 -0.67 9.68 -18.12
N ILE B 224 -1.80 9.04 -18.14
CA ILE B 224 -2.84 9.20 -19.24
C ILE B 224 -3.64 10.46 -19.08
N PHE B 225 -3.65 11.34 -20.04
CA PHE B 225 -4.28 12.64 -19.80
C PHE B 225 -5.45 13.00 -20.70
N ASN B 226 -5.78 12.05 -21.58
CA ASN B 226 -7.00 12.15 -22.40
C ASN B 226 -7.60 10.72 -22.52
N TYR B 227 -8.69 10.41 -21.80
CA TYR B 227 -9.39 9.15 -21.96
C TYR B 227 -10.39 9.48 -23.03
N ARG B 228 -9.93 9.42 -24.29
CA ARG B 228 -10.74 9.43 -25.53
C ARG B 228 -12.11 8.83 -25.44
N TYR B 229 -13.14 9.64 -25.78
CA TYR B 229 -14.49 9.17 -25.72
C TYR B 229 -14.74 8.09 -26.72
N ASP B 230 -13.98 8.09 -27.82
CA ASP B 230 -14.25 7.01 -28.82
C ASP B 230 -13.98 5.72 -28.14
N ARG B 231 -12.91 5.63 -27.42
CA ARG B 231 -12.61 4.43 -26.63
C ARG B 231 -13.50 4.19 -25.48
N SER B 232 -13.74 5.19 -24.70
CA SER B 232 -14.49 5.04 -23.50
C SER B 232 -15.90 4.60 -23.80
N ARG B 233 -16.41 5.10 -24.87
CA ARG B 233 -17.78 4.88 -25.28
C ARG B 233 -17.99 3.53 -25.84
N GLU B 234 -16.96 2.95 -26.32
CA GLU B 234 -17.00 1.73 -26.96
C GLU B 234 -16.97 0.64 -25.87
N VAL B 235 -16.21 0.87 -24.82
CA VAL B 235 -16.37 0.09 -23.63
C VAL B 235 -17.77 -0.06 -23.24
N LEU B 236 -18.48 1.02 -22.93
CA LEU B 236 -19.85 1.02 -22.46
C LEU B 236 -20.69 0.28 -23.44
N HIS B 237 -20.53 0.58 -24.72
CA HIS B 237 -21.24 -0.18 -25.79
C HIS B 237 -21.03 -1.68 -25.77
N ASP B 238 -19.81 -2.13 -25.45
CA ASP B 238 -19.34 -3.51 -25.49
C ASP B 238 -19.93 -4.24 -24.38
N LEU B 239 -20.13 -3.56 -23.27
CA LEU B 239 -20.68 -4.11 -22.08
C LEU B 239 -22.21 -4.45 -22.19
N THR B 240 -22.94 -3.75 -23.08
CA THR B 240 -24.39 -3.99 -23.23
C THR B 240 -24.59 -5.34 -23.97
N ARG B 241 -23.54 -5.85 -24.50
CA ARG B 241 -23.55 -7.07 -25.28
C ARG B 241 -23.02 -8.23 -24.43
N LEU B 242 -22.58 -7.89 -23.19
CA LEU B 242 -21.95 -8.82 -22.36
C LEU B 242 -22.80 -9.14 -21.18
N GLY B 243 -23.83 -8.40 -20.86
CA GLY B 243 -24.62 -8.81 -19.77
C GLY B 243 -25.56 -7.70 -19.56
N ASP B 244 -26.31 -7.79 -18.47
CA ASP B 244 -27.41 -6.88 -18.08
C ASP B 244 -26.94 -5.59 -17.33
N ALA B 245 -27.87 -4.63 -17.38
CA ALA B 245 -27.67 -3.37 -16.68
C ALA B 245 -27.84 -3.46 -15.15
N ASP B 246 -27.11 -2.64 -14.44
CA ASP B 246 -27.24 -2.66 -13.04
C ASP B 246 -28.47 -1.84 -12.80
N GLU B 247 -29.34 -2.35 -11.95
CA GLU B 247 -30.68 -1.76 -11.77
C GLU B 247 -30.64 -0.32 -11.39
N TRP B 248 -29.58 0.08 -10.71
CA TRP B 248 -29.31 1.46 -10.21
C TRP B 248 -28.58 2.45 -11.17
N ASP B 249 -27.43 2.06 -11.70
CA ASP B 249 -26.60 2.92 -12.50
C ASP B 249 -26.66 2.63 -13.97
N GLY B 250 -27.25 1.53 -14.39
CA GLY B 250 -27.08 1.11 -15.80
C GLY B 250 -25.71 0.36 -16.01
N TYR B 251 -24.97 0.67 -17.06
CA TYR B 251 -23.62 0.25 -17.25
C TYR B 251 -22.72 1.41 -16.91
N LYS B 252 -22.15 1.40 -15.72
CA LYS B 252 -21.25 2.45 -15.28
C LYS B 252 -19.77 1.98 -15.09
N ARG B 254 -15.57 3.43 -13.94
CA ARG B 254 -14.69 4.46 -13.48
C ARG B 254 -13.44 4.45 -14.28
N TYR B 255 -12.95 5.65 -14.63
CA TYR B 255 -11.66 5.80 -15.32
C TYR B 255 -10.53 5.44 -14.35
N VAL B 256 -9.44 4.83 -14.79
CA VAL B 256 -8.43 4.47 -13.86
C VAL B 256 -7.03 4.87 -14.21
N ASN B 257 -6.21 4.97 -13.17
CA ASN B 257 -4.77 5.31 -13.32
C ASN B 257 -4.09 4.06 -13.46
N PRO B 258 -3.48 3.85 -14.60
CA PRO B 258 -2.95 2.52 -14.92
C PRO B 258 -1.76 2.18 -14.12
N VAL B 259 -1.25 3.21 -13.46
CA VAL B 259 0.01 3.00 -12.68
C VAL B 259 -0.30 2.50 -11.34
N THR B 260 -1.55 2.65 -10.89
CA THR B 260 -1.99 2.34 -9.59
C THR B 260 -3.26 1.65 -9.49
N GLY B 261 -4.02 1.64 -10.54
CA GLY B 261 -5.39 1.14 -10.40
C GLY B 261 -6.33 1.99 -9.64
N GLY B 262 -5.80 3.16 -9.27
CA GLY B 262 -6.54 4.07 -8.47
C GLY B 262 -7.22 5.13 -9.38
N TYR B 263 -7.67 6.21 -8.74
CA TYR B 263 -8.29 7.23 -9.47
C TYR B 263 -7.30 8.03 -10.32
N PRO B 264 -7.71 8.77 -11.36
CA PRO B 264 -6.77 9.60 -12.13
C PRO B 264 -6.17 10.80 -11.36
N PRO B 266 -6.03 12.36 -7.22
CA PRO B 266 -6.28 12.04 -5.80
C PRO B 266 -7.50 12.63 -5.17
N SER B 267 -7.89 13.88 -5.54
CA SER B 267 -9.08 14.44 -4.99
C SER B 267 -10.35 14.16 -5.78
N GLY B 269 -12.70 11.75 -8.69
CA GLY B 269 -13.02 10.49 -9.32
C GLY B 269 -13.98 10.76 -10.45
N ALA B 270 -13.86 10.04 -11.56
CA ALA B 270 -14.74 10.27 -12.69
C ALA B 270 -15.29 8.97 -13.25
N PHE B 271 -16.53 9.04 -13.65
CA PHE B 271 -17.30 7.89 -14.08
C PHE B 271 -17.94 8.17 -15.44
N LEU B 272 -18.18 7.15 -16.22
CA LEU B 272 -19.00 7.21 -17.40
C LEU B 272 -19.93 5.98 -17.31
N GLN B 273 -21.21 6.30 -17.61
CA GLN B 273 -22.30 5.42 -17.57
C GLN B 273 -23.21 5.62 -18.75
N LEU B 274 -23.69 4.46 -19.21
CA LEU B 274 -24.58 4.30 -20.26
C LEU B 274 -26.00 3.87 -19.63
N LEU B 275 -27.01 4.72 -19.80
CA LEU B 275 -28.46 4.49 -19.47
C LEU B 275 -29.34 4.17 -20.66
N PRO B 276 -29.52 2.93 -20.90
CA PRO B 276 -30.19 2.43 -22.12
C PRO B 276 -31.55 2.98 -22.36
N LYS B 277 -31.93 2.99 -23.64
CA LYS B 277 -33.25 3.38 -24.14
C LYS B 277 -34.36 3.63 -23.13
N GLY B 278 -35.17 2.66 -22.71
CA GLY B 278 -36.30 2.98 -21.89
C GLY B 278 -35.95 2.66 -20.46
N PHE B 279 -34.67 2.62 -20.06
CA PHE B 279 -34.29 2.35 -18.69
C PHE B 279 -35.12 3.12 -17.65
N ALA B 280 -35.32 2.53 -16.48
CA ALA B 280 -35.90 3.27 -15.34
C ALA B 280 -35.26 2.68 -14.00
N SER B 281 -34.28 3.35 -13.58
CA SER B 281 -33.38 2.88 -12.54
C SER B 281 -34.17 2.92 -11.24
N ARG B 282 -33.71 2.22 -10.24
CA ARG B 282 -34.10 2.49 -8.91
C ARG B 282 -33.14 3.59 -8.20
N VAL B 283 -33.41 3.82 -6.91
CA VAL B 283 -32.92 4.97 -6.17
C VAL B 283 -31.65 4.62 -5.49
N ALA B 284 -30.62 5.49 -5.66
CA ALA B 284 -29.38 5.27 -4.93
C ALA B 284 -28.99 6.48 -4.06
N ARG B 285 -28.18 6.26 -3.09
CA ARG B 285 -27.62 7.40 -2.35
C ARG B 285 -26.11 7.16 -2.16
N THR B 286 -25.31 8.23 -2.11
CA THR B 286 -23.92 8.20 -1.84
C THR B 286 -23.59 9.51 -1.20
N THR B 287 -22.39 9.59 -0.64
CA THR B 287 -21.99 10.69 0.17
C THR B 287 -21.14 11.63 -0.61
N ASP B 288 -20.92 11.28 -1.85
CA ASP B 288 -20.14 12.21 -2.67
C ASP B 288 -21.09 13.00 -3.54
N SER B 289 -21.10 14.31 -3.33
CA SER B 289 -21.84 15.33 -4.15
C SER B 289 -21.37 15.18 -5.55
N THR B 290 -22.21 14.80 -6.48
CA THR B 290 -21.72 14.39 -7.78
C THR B 290 -22.24 15.36 -8.82
N ILE B 291 -21.39 15.58 -9.83
CA ILE B 291 -21.71 16.47 -10.94
C ILE B 291 -21.91 15.53 -12.13
N TYR B 292 -23.14 15.55 -12.68
CA TYR B 292 -23.40 14.87 -13.92
C TYR B 292 -23.46 15.81 -15.14
N HIS B 293 -23.11 15.30 -16.30
CA HIS B 293 -23.06 16.00 -17.56
C HIS B 293 -23.53 14.98 -18.57
N VAL B 294 -24.59 15.29 -19.24
CA VAL B 294 -25.13 14.45 -20.30
C VAL B 294 -24.33 14.57 -21.59
N VAL B 295 -23.65 13.51 -22.00
CA VAL B 295 -22.95 13.54 -23.23
C VAL B 295 -23.84 13.31 -24.47
N GLU B 296 -24.88 12.51 -24.33
CA GLU B 296 -25.86 12.25 -25.39
C GLU B 296 -27.08 11.54 -24.67
N GLY B 297 -28.27 11.78 -25.19
CA GLY B 297 -29.46 11.14 -24.75
C GLY B 297 -30.40 12.12 -24.01
N SER B 298 -31.47 11.60 -23.42
CA SER B 298 -32.39 12.44 -22.83
C SER B 298 -33.26 11.68 -21.92
N GLY B 299 -33.82 12.32 -20.97
CA GLY B 299 -34.62 11.60 -20.04
C GLY B 299 -35.05 12.48 -18.86
N GLN B 300 -35.43 11.90 -17.75
CA GLN B 300 -35.63 12.57 -16.50
C GLN B 300 -34.71 12.05 -15.41
N VAL B 301 -34.46 12.87 -14.42
CA VAL B 301 -33.77 12.57 -13.27
C VAL B 301 -34.50 12.97 -12.04
N ILE B 302 -34.49 12.17 -10.98
CA ILE B 302 -34.93 12.52 -9.70
C ILE B 302 -33.78 12.73 -8.67
N ILE B 303 -33.70 13.88 -7.97
CA ILE B 303 -32.71 14.09 -7.00
C ILE B 303 -33.35 14.48 -5.69
N GLY B 304 -33.39 13.54 -4.74
CA GLY B 304 -34.15 13.54 -3.54
C GLY B 304 -35.21 14.58 -3.66
N ASN B 305 -36.32 14.16 -4.21
CA ASN B 305 -37.34 15.20 -4.60
C ASN B 305 -36.84 16.20 -5.71
N GLU B 306 -37.61 17.16 -5.97
CA GLU B 306 -37.03 18.10 -7.00
C GLU B 306 -36.55 17.46 -8.36
N THR B 307 -37.25 16.56 -8.99
CA THR B 307 -36.92 16.16 -10.35
C THR B 307 -36.52 17.25 -11.39
N PHE B 308 -36.07 16.84 -12.60
CA PHE B 308 -35.43 17.62 -13.64
C PHE B 308 -35.47 16.81 -14.94
N SER B 309 -35.90 17.39 -16.01
CA SER B 309 -35.89 16.78 -17.34
C SER B 309 -34.57 17.17 -18.09
N PHE B 310 -33.89 16.29 -18.88
CA PHE B 310 -32.51 16.62 -19.29
C PHE B 310 -32.30 16.23 -20.57
N SER B 311 -31.25 16.76 -21.19
CA SER B 311 -30.97 16.58 -22.65
C SER B 311 -29.54 16.91 -22.84
N ALA B 312 -29.12 16.55 -24.04
CA ALA B 312 -27.76 16.67 -24.42
C ALA B 312 -27.01 17.82 -23.77
N LYS B 313 -25.88 17.48 -23.18
CA LYS B 313 -24.89 18.43 -22.61
C LYS B 313 -25.38 19.23 -21.39
N ASP B 314 -26.63 18.93 -20.94
CA ASP B 314 -27.08 19.45 -19.68
C ASP B 314 -26.14 19.00 -18.64
N ILE B 315 -26.09 19.80 -17.54
CA ILE B 315 -25.43 19.41 -16.31
C ILE B 315 -26.26 19.48 -14.98
N PHE B 316 -26.11 18.51 -14.12
CA PHE B 316 -26.84 18.61 -12.83
C PHE B 316 -26.01 18.09 -11.68
N VAL B 317 -26.48 18.29 -10.47
CA VAL B 317 -25.79 17.94 -9.28
C VAL B 317 -26.64 17.26 -8.31
N VAL B 318 -26.19 16.11 -7.83
CA VAL B 318 -26.85 15.36 -6.76
C VAL B 318 -26.11 15.51 -5.41
N PRO B 319 -26.63 16.31 -4.47
CA PRO B 319 -25.94 16.48 -3.23
C PRO B 319 -25.94 15.18 -2.46
N THR B 320 -25.08 15.12 -1.45
CA THR B 320 -24.83 13.98 -0.69
C THR B 320 -26.10 13.47 -0.02
N TRP B 321 -26.31 12.14 -0.10
CA TRP B 321 -27.43 11.45 0.57
C TRP B 321 -28.77 11.99 0.06
N HIS B 322 -28.80 12.56 -1.12
CA HIS B 322 -29.96 12.65 -1.90
C HIS B 322 -30.09 11.54 -2.95
N GLY B 323 -31.29 10.95 -2.98
CA GLY B 323 -31.44 9.73 -3.79
C GLY B 323 -31.50 10.17 -5.22
N VAL B 324 -30.96 9.37 -6.12
CA VAL B 324 -30.84 9.63 -7.55
C VAL B 324 -31.35 8.45 -8.30
N SER B 325 -32.06 8.72 -9.36
CA SER B 325 -32.63 7.78 -10.27
C SER B 325 -32.81 8.39 -11.61
N PHE B 326 -32.86 7.56 -12.63
CA PHE B 326 -32.98 8.03 -13.97
C PHE B 326 -34.06 7.28 -14.67
N GLN B 327 -34.67 7.89 -15.70
CA GLN B 327 -35.65 7.30 -16.60
C GLN B 327 -35.36 7.84 -17.95
N THR B 328 -34.90 7.00 -18.85
CA THR B 328 -34.44 7.50 -20.04
C THR B 328 -35.33 7.27 -21.23
N THR B 329 -35.24 8.18 -22.22
CA THR B 329 -36.02 7.98 -23.48
C THR B 329 -35.29 7.60 -24.68
N GLN B 330 -34.00 7.56 -24.58
CA GLN B 330 -33.13 7.34 -25.69
C GLN B 330 -32.05 6.17 -25.51
N ASP B 331 -30.93 6.56 -25.10
CA ASP B 331 -29.76 5.73 -24.85
C ASP B 331 -28.87 6.89 -24.53
N SER B 332 -28.59 7.05 -23.25
CA SER B 332 -27.95 8.24 -22.80
C SER B 332 -26.69 7.95 -22.04
N VAL B 333 -25.67 8.74 -22.29
CA VAL B 333 -24.40 8.63 -21.55
C VAL B 333 -24.13 9.80 -20.62
N LEU B 334 -23.77 9.48 -19.39
CA LEU B 334 -23.53 10.45 -18.27
C LEU B 334 -22.10 10.34 -17.73
N PHE B 335 -21.41 11.49 -17.77
CA PHE B 335 -20.11 11.69 -17.20
C PHE B 335 -20.29 12.35 -15.89
N SER B 336 -19.47 12.01 -14.90
CA SER B 336 -19.66 12.48 -13.56
C SER B 336 -18.41 12.48 -12.88
N PHE B 337 -18.30 13.38 -11.94
CA PHE B 337 -17.11 13.50 -11.12
C PHE B 337 -17.49 13.97 -9.74
N SER B 338 -16.75 13.53 -8.76
CA SER B 338 -17.00 13.96 -7.40
C SER B 338 -15.75 13.90 -6.56
N ASP B 339 -15.85 14.05 -5.24
CA ASP B 339 -14.70 14.11 -4.35
C ASP B 339 -14.60 12.74 -3.63
N ARG B 340 -14.98 11.65 -4.32
CA ARG B 340 -15.01 10.38 -3.71
C ARG B 340 -13.70 9.95 -3.22
N PRO B 341 -12.62 10.15 -4.03
CA PRO B 341 -11.29 9.69 -3.63
C PRO B 341 -10.95 10.17 -2.23
N VAL B 342 -11.20 11.44 -1.92
CA VAL B 342 -10.85 11.86 -0.63
C VAL B 342 -11.67 11.17 0.47
N GLN B 343 -12.88 10.90 0.20
CA GLN B 343 -13.76 10.23 1.16
C GLN B 343 -13.27 8.84 1.51
N GLU B 344 -12.97 8.08 0.51
CA GLU B 344 -12.71 6.65 0.73
C GLU B 344 -11.34 6.62 1.42
N ALA B 345 -10.44 7.48 1.01
CA ALA B 345 -9.17 7.63 1.66
C ALA B 345 -9.30 7.90 3.13
N LEU B 346 -10.33 8.62 3.57
CA LEU B 346 -10.55 8.87 5.00
C LEU B 346 -11.48 7.85 5.62
N GLY B 347 -11.97 6.87 4.88
CA GLY B 347 -12.80 5.86 5.42
C GLY B 347 -14.20 6.40 5.62
N LEU B 348 -14.60 7.47 4.86
CA LEU B 348 -15.87 8.17 5.09
C LEU B 348 -16.94 7.97 4.06
N PHE B 349 -16.56 7.26 3.01
CA PHE B 349 -17.51 7.05 1.90
C PHE B 349 -18.62 6.03 2.25
N ARG B 350 -19.83 6.37 1.95
CA ARG B 350 -20.92 5.38 2.04
C ARG B 350 -21.86 5.36 0.91
N GLU B 351 -22.64 4.29 0.80
CA GLU B 351 -23.52 4.04 -0.32
C GLU B 351 -24.74 3.11 0.06
N ALA B 352 -25.92 3.46 -0.36
CA ALA B 352 -27.09 2.71 -0.12
C ALA B 352 -27.77 2.58 -1.42
N ARG B 353 -28.32 1.40 -1.62
CA ARG B 353 -29.17 1.06 -2.72
C ARG B 353 -30.53 0.58 -2.23
N PRO C 45 -3.97 30.55 -5.75
CA PRO C 45 -2.81 31.53 -5.60
C PRO C 45 -1.37 31.04 -5.70
N LYS C 46 -0.49 32.00 -5.52
CA LYS C 46 0.90 31.63 -5.57
C LYS C 46 1.28 30.75 -4.33
N THR C 47 0.79 31.21 -3.20
CA THR C 47 1.04 30.59 -1.92
C THR C 47 -0.31 30.53 -1.20
N PRO C 48 -0.48 29.60 -0.34
CA PRO C 48 -1.82 29.26 0.17
C PRO C 48 -2.52 30.57 0.70
N ASN C 49 -3.73 30.79 0.23
CA ASN C 49 -4.57 31.81 0.86
C ASN C 49 -4.72 31.43 2.34
N ALA C 50 -5.18 30.22 2.44
CA ALA C 50 -5.43 29.64 3.66
C ALA C 50 -5.95 30.75 4.63
N ASN C 51 -7.12 30.42 5.15
CA ASN C 51 -7.59 31.28 6.12
C ASN C 51 -8.24 30.65 7.30
N CYS C 52 -7.74 31.14 8.37
CA CYS C 52 -8.13 30.97 9.75
C CYS C 52 -6.98 32.04 9.99
N ALA C 53 -7.11 32.77 11.04
CA ALA C 53 -6.12 33.70 11.40
C ALA C 53 -5.34 33.28 12.68
N PRO C 54 -4.17 33.84 12.83
CA PRO C 54 -3.36 33.53 14.08
C PRO C 54 -4.18 33.81 15.31
N ALA C 55 -4.16 32.95 16.33
CA ALA C 55 -5.01 33.05 17.59
C ALA C 55 -4.35 32.39 18.72
N TYR C 56 -4.83 32.89 19.86
CA TYR C 56 -4.26 32.60 21.18
C TYR C 56 -5.36 32.77 22.15
N TRP C 57 -5.39 31.85 23.10
CA TRP C 57 -6.46 31.87 23.96
C TRP C 57 -6.15 32.16 25.47
N ASN C 58 -5.27 31.41 26.09
CA ASN C 58 -4.85 31.79 27.48
C ASN C 58 -5.80 31.12 28.34
N TYR C 59 -5.28 30.27 29.23
CA TYR C 59 -6.03 29.50 30.27
C TYR C 59 -6.27 30.50 31.54
N GLN C 60 -7.31 31.35 31.29
CA GLN C 60 -7.93 32.50 32.07
C GLN C 60 -9.38 32.48 31.79
N GLU C 61 -9.81 32.10 30.58
CA GLU C 61 -11.12 31.57 30.28
C GLU C 61 -11.67 30.10 30.82
N ILE C 62 -11.73 30.02 32.16
CA ILE C 62 -12.51 29.11 32.98
C ILE C 62 -13.97 29.31 33.16
N ARG C 63 -14.56 28.22 32.77
CA ARG C 63 -16.00 27.94 32.56
C ARG C 63 -16.41 26.92 33.73
N LEU C 83 -17.84 22.07 25.60
CA LEU C 83 -18.80 22.75 26.34
C LEU C 83 -18.32 24.22 26.23
N VAL C 84 -17.17 24.45 25.60
CA VAL C 84 -16.58 25.82 25.32
C VAL C 84 -15.70 25.78 24.10
N LEU C 85 -16.14 26.26 23.00
CA LEU C 85 -15.17 26.17 21.96
C LEU C 85 -14.39 27.31 21.47
N GLU C 86 -13.39 26.99 20.69
CA GLU C 86 -12.58 28.01 20.18
C GLU C 86 -12.81 28.26 18.73
N ASN C 87 -12.93 29.54 18.39
CA ASN C 87 -13.22 30.07 17.03
C ASN C 87 -12.12 31.11 16.85
N PRO C 88 -11.42 31.27 15.71
CA PRO C 88 -10.43 32.44 15.49
C PRO C 88 -10.89 33.95 15.04
N ALA C 89 -11.19 33.92 13.73
CA ALA C 89 -11.62 34.94 12.63
C ALA C 89 -12.54 34.18 11.62
N LEU C 90 -13.15 33.06 12.08
CA LEU C 90 -14.20 32.28 11.36
C LEU C 90 -15.43 32.41 12.25
N ARG C 91 -15.67 33.54 12.85
CA ARG C 91 -16.85 33.73 13.76
C ARG C 91 -18.13 32.93 13.44
N GLY C 92 -18.74 32.34 14.46
CA GLY C 92 -19.96 31.64 14.18
C GLY C 92 -19.95 30.33 13.42
N GLN C 93 -18.80 29.93 12.92
CA GLN C 93 -18.61 28.66 12.28
C GLN C 93 -18.21 27.54 13.22
N SER C 94 -18.02 27.77 14.50
CA SER C 94 -17.50 26.85 15.51
C SER C 94 -16.29 26.02 15.06
N SER C 95 -15.35 26.73 14.41
CA SER C 95 -14.20 26.17 13.78
C SER C 95 -12.94 26.80 14.21
N ILE C 96 -11.94 26.02 14.58
CA ILE C 96 -10.67 26.57 15.03
C ILE C 96 -9.78 26.93 13.84
N THR C 97 -10.10 26.18 12.80
CA THR C 97 -9.39 26.34 11.55
C THR C 97 -10.45 26.06 10.49
N ALA C 98 -10.06 25.95 9.29
CA ALA C 98 -11.14 25.73 8.31
C ALA C 98 -11.58 24.34 8.16
N THR C 99 -10.82 23.38 8.67
CA THR C 99 -11.19 21.96 8.70
C THR C 99 -11.38 21.37 10.05
N LEU C 100 -10.98 22.02 11.09
CA LEU C 100 -11.01 21.39 12.44
C LEU C 100 -11.76 22.18 13.47
N TYR C 101 -12.43 21.46 14.37
CA TYR C 101 -12.93 22.06 15.58
C TYR C 101 -12.01 21.73 16.78
N ALA C 102 -12.05 22.61 17.77
CA ALA C 102 -11.31 22.58 19.07
C ALA C 102 -12.16 23.28 20.13
N GLY C 103 -12.24 22.64 21.26
CA GLY C 103 -12.86 23.27 22.40
C GLY C 103 -12.49 22.68 23.70
N LEU C 104 -13.21 23.06 24.76
CA LEU C 104 -12.92 22.60 26.10
C LEU C 104 -14.15 21.96 26.64
N GLN C 105 -14.08 20.74 27.07
CA GLN C 105 -15.22 20.00 27.63
C GLN C 105 -14.86 19.74 29.07
N LEU C 106 -15.82 19.88 29.95
CA LEU C 106 -15.67 19.65 31.40
C LEU C 106 -16.59 18.49 31.82
N ILE C 107 -16.14 17.64 32.67
CA ILE C 107 -17.05 16.63 33.21
C ILE C 107 -17.13 16.86 34.74
N PRO C 109 -18.13 16.28 38.75
CA PRO C 109 -17.95 15.14 39.62
C PRO C 109 -19.13 14.30 39.71
N GLY C 110 -19.58 13.52 38.75
CA GLY C 110 -20.70 12.68 39.03
C GLY C 110 -21.28 12.32 37.70
N GLU C 111 -21.04 13.15 36.65
CA GLU C 111 -21.66 12.90 35.34
C GLU C 111 -21.37 11.59 34.62
N VAL C 112 -22.29 11.07 33.86
CA VAL C 112 -22.08 9.84 33.10
C VAL C 112 -22.51 10.14 31.68
N ALA C 113 -21.68 10.13 30.64
CA ALA C 113 -22.21 10.28 29.26
C ALA C 113 -22.69 8.99 28.60
N PRO C 114 -23.79 9.09 27.83
CA PRO C 114 -24.31 7.85 27.26
C PRO C 114 -23.42 7.64 26.12
N SER C 115 -23.48 6.51 25.43
CA SER C 115 -22.53 6.15 24.48
C SER C 115 -23.05 6.08 23.06
N HIS C 116 -22.26 6.61 22.08
CA HIS C 116 -22.61 6.72 20.67
C HIS C 116 -21.43 6.65 19.78
N ARG C 117 -21.73 6.64 18.48
CA ARG C 117 -20.67 6.64 17.45
C ARG C 117 -20.99 7.61 16.27
N HIS C 118 -19.98 8.20 15.68
CA HIS C 118 -20.22 9.11 14.52
C HIS C 118 -18.97 9.03 13.67
N ASN C 119 -19.15 9.41 12.39
CA ASN C 119 -18.14 9.45 11.42
C ASN C 119 -17.00 10.42 11.66
N GLN C 120 -17.31 11.51 12.30
CA GLN C 120 -16.27 12.46 12.80
C GLN C 120 -15.24 11.76 13.81
N SER C 121 -13.94 11.83 13.49
CA SER C 121 -12.89 11.33 14.36
C SER C 121 -12.86 12.38 15.50
N ALA C 122 -12.37 12.00 16.67
CA ALA C 122 -12.16 12.97 17.79
C ALA C 122 -10.97 12.52 18.69
N LEU C 123 -10.30 13.52 19.28
CA LEU C 123 -9.20 13.35 20.24
C LEU C 123 -9.53 14.09 21.42
N ARG C 124 -8.99 13.67 22.51
CA ARG C 124 -9.16 14.32 23.80
C ARG C 124 -7.81 14.32 24.53
N PHE C 125 -7.32 15.47 24.94
CA PHE C 125 -6.05 15.63 25.45
C PHE C 125 -6.39 16.22 26.79
N ILE C 126 -5.98 15.57 27.88
CA ILE C 126 -6.37 15.92 29.19
C ILE C 126 -5.56 17.08 29.60
N VAL C 127 -6.22 18.13 30.14
CA VAL C 127 -5.59 19.31 30.64
C VAL C 127 -5.41 19.32 32.16
N GLU C 128 -6.42 18.77 32.92
CA GLU C 128 -6.39 18.77 34.40
C GLU C 128 -7.43 17.90 35.03
N GLY C 129 -7.35 17.74 36.34
CA GLY C 129 -8.23 16.93 37.15
C GLY C 129 -8.01 15.46 37.01
N LYS C 130 -8.30 14.73 38.05
CA LYS C 130 -8.17 13.27 38.01
C LYS C 130 -9.45 12.60 38.46
N GLY C 131 -9.59 11.25 38.23
CA GLY C 131 -10.77 10.40 38.51
C GLY C 131 -11.68 9.79 37.36
N ALA C 132 -11.51 10.36 36.16
CA ALA C 132 -12.49 10.14 35.17
C ALA C 132 -12.02 9.12 34.22
N PHE C 133 -12.89 8.58 33.40
CA PHE C 133 -12.51 7.66 32.39
C PHE C 133 -13.27 7.94 31.10
N THR C 134 -12.79 7.27 30.03
CA THR C 134 -13.46 7.31 28.80
C THR C 134 -13.47 5.90 28.37
N ALA C 135 -14.54 5.48 27.66
CA ALA C 135 -14.54 4.19 27.06
C ALA C 135 -14.66 4.20 25.59
N VAL C 136 -14.06 3.17 24.97
CA VAL C 136 -14.10 2.98 23.55
C VAL C 136 -14.39 1.63 23.22
N ASP C 137 -15.42 1.43 22.46
CA ASP C 137 -15.79 0.10 22.20
C ASP C 137 -15.71 -0.91 23.39
N GLY C 138 -16.16 -0.53 24.60
CA GLY C 138 -16.24 -1.44 25.68
C GLY C 138 -15.24 -1.21 26.77
N GLU C 139 -14.03 -0.91 26.33
CA GLU C 139 -12.87 -0.82 27.27
C GLU C 139 -12.70 0.62 27.74
N ARG C 140 -12.38 0.84 28.98
CA ARG C 140 -12.15 2.09 29.47
C ARG C 140 -10.86 2.33 30.07
N THR C 141 -10.43 3.57 30.00
CA THR C 141 -9.19 4.02 30.55
C THR C 141 -9.25 5.35 31.40
N PRO C 142 -8.43 5.36 32.45
CA PRO C 142 -8.19 6.54 33.19
C PRO C 142 -7.74 7.70 32.33
N ASN C 144 -5.48 10.96 32.46
CA ASN C 144 -4.51 11.80 33.12
C ASN C 144 -3.92 12.93 32.31
N GLU C 145 -3.54 14.02 33.00
CA GLU C 145 -2.92 15.19 32.42
C GLU C 145 -1.92 14.74 31.33
N GLY C 146 -2.08 15.24 30.17
CA GLY C 146 -1.10 15.10 29.10
C GLY C 146 -1.43 13.87 28.20
N ASP C 147 -2.56 13.10 28.53
CA ASP C 147 -2.91 11.89 27.80
C ASP C 147 -3.55 12.26 26.54
N PHE C 148 -3.17 11.58 25.48
CA PHE C 148 -3.74 11.91 24.13
C PHE C 148 -4.61 10.75 23.87
N ILE C 149 -5.93 10.95 23.98
CA ILE C 149 -6.88 9.83 23.88
C ILE C 149 -7.66 9.99 22.55
N LEU C 150 -8.03 8.89 21.95
CA LEU C 150 -8.78 8.97 20.76
C LEU C 150 -10.13 8.26 21.01
N THR C 151 -11.10 8.69 20.23
CA THR C 151 -12.34 8.01 19.98
C THR C 151 -12.49 7.83 18.46
N PRO C 152 -12.02 6.69 17.95
CA PRO C 152 -12.03 6.50 16.54
C PRO C 152 -13.46 6.62 16.00
N GLN C 153 -13.55 7.05 14.75
CA GLN C 153 -14.75 7.05 14.02
C GLN C 153 -15.44 5.68 13.86
N TRP C 154 -16.74 5.76 14.09
CA TRP C 154 -17.63 4.69 14.04
C TRP C 154 -17.30 3.59 15.02
N ARG C 155 -16.84 3.97 16.16
CA ARG C 155 -16.78 3.02 17.22
C ARG C 155 -17.30 3.63 18.43
N TRP C 156 -18.24 2.94 19.13
CA TRP C 156 -18.92 3.50 20.31
C TRP C 156 -17.96 4.17 21.33
N HIS C 157 -18.24 5.31 21.89
CA HIS C 157 -17.43 5.88 22.95
C HIS C 157 -18.35 6.58 24.04
N ASP C 158 -17.80 6.73 25.24
CA ASP C 158 -18.47 7.44 26.37
C ASP C 158 -17.46 7.63 27.40
N HIS C 159 -17.83 8.31 28.39
CA HIS C 159 -17.01 8.48 29.52
C HIS C 159 -17.75 8.57 30.94
N GLY C 160 -16.97 8.75 32.00
CA GLY C 160 -17.41 9.10 33.31
C GLY C 160 -16.50 9.79 34.24
N ASN C 161 -17.08 10.18 35.36
CA ASN C 161 -16.36 10.78 36.39
C ASN C 161 -16.94 10.34 37.71
N PRO C 162 -16.52 9.16 38.25
CA PRO C 162 -16.98 8.65 39.52
C PRO C 162 -16.24 9.29 40.69
N GLY C 163 -15.32 10.20 40.41
CA GLY C 163 -14.44 10.93 41.32
C GLY C 163 -15.02 12.30 41.69
N ASP C 164 -14.30 13.04 42.51
CA ASP C 164 -14.55 14.44 42.84
C ASP C 164 -13.67 15.06 41.85
N GLU C 165 -13.45 16.38 42.01
CA GLU C 165 -12.52 17.01 41.04
C GLU C 165 -13.12 17.05 39.56
N PRO C 166 -13.37 18.26 39.02
CA PRO C 166 -13.82 18.40 37.63
C PRO C 166 -12.63 18.06 36.72
N VAL C 167 -12.95 17.55 35.54
CA VAL C 167 -11.99 16.95 34.64
C VAL C 167 -12.29 17.63 33.34
N ILE C 168 -11.33 18.40 32.86
CA ILE C 168 -11.39 19.19 31.62
C ILE C 168 -10.42 18.63 30.62
N TRP C 169 -10.84 18.58 29.41
CA TRP C 169 -9.98 18.31 28.30
C TRP C 169 -10.17 19.05 27.03
N LEU C 170 -9.13 19.07 26.18
CA LEU C 170 -9.23 19.72 24.82
C LEU C 170 -9.86 18.71 23.86
N ASP C 171 -10.84 19.20 23.19
CA ASP C 171 -11.53 18.41 22.16
C ASP C 171 -10.95 18.84 20.84
N GLY C 172 -10.69 17.93 19.94
CA GLY C 172 -10.28 18.20 18.52
C GLY C 172 -11.07 17.17 17.76
N LEU C 173 -11.75 17.63 16.73
CA LEU C 173 -12.63 16.79 15.87
C LEU C 173 -12.68 17.34 14.52
N ASP C 174 -12.91 16.49 13.53
CA ASP C 174 -12.84 16.89 12.14
C ASP C 174 -14.13 17.36 11.55
N LEU C 175 -14.97 17.89 12.43
CA LEU C 175 -16.30 18.39 12.16
C LEU C 175 -16.52 19.25 10.95
N PRO C 176 -15.76 20.36 10.86
CA PRO C 176 -15.92 21.24 9.61
C PRO C 176 -15.69 20.39 8.37
N LEU C 177 -14.63 19.59 8.41
CA LEU C 177 -14.20 18.82 7.18
C LEU C 177 -15.31 17.87 6.77
N VAL C 178 -15.83 17.07 7.68
CA VAL C 178 -16.78 16.10 7.35
C VAL C 178 -18.04 16.74 6.88
N ASN C 179 -18.41 17.90 7.42
CA ASN C 179 -19.55 18.55 6.78
C ASN C 179 -19.31 19.00 5.38
N ILE C 180 -18.08 19.44 5.04
CA ILE C 180 -17.95 19.94 3.76
C ILE C 180 -18.00 18.83 2.79
N LEU C 181 -17.51 17.64 3.24
CA LEU C 181 -17.39 16.44 2.46
C LEU C 181 -18.62 15.70 2.36
N GLY C 182 -19.46 15.78 3.35
CA GLY C 182 -20.85 15.36 3.23
C GLY C 182 -20.99 13.97 3.89
N CYS C 183 -20.39 13.75 5.07
CA CYS C 183 -20.19 12.34 5.57
C CYS C 183 -20.61 12.10 7.03
N GLY C 184 -21.43 13.02 7.52
CA GLY C 184 -21.85 13.12 8.84
C GLY C 184 -22.86 11.97 9.15
N PHE C 185 -22.41 10.83 9.73
CA PHE C 185 -23.44 9.90 10.28
C PHE C 185 -23.25 9.83 11.72
N ALA C 186 -24.39 9.86 12.43
CA ALA C 186 -24.46 9.77 13.85
C ALA C 186 -25.55 8.74 14.34
N GLU C 187 -25.12 7.75 15.20
CA GLU C 187 -25.96 6.73 15.91
C GLU C 187 -25.75 6.79 17.41
N ASP C 188 -26.89 6.78 18.06
CA ASP C 188 -26.95 6.42 19.48
C ASP C 188 -26.91 4.91 19.66
N TYR C 189 -26.19 4.53 20.72
CA TYR C 189 -26.20 3.14 21.23
C TYR C 189 -27.60 2.82 21.96
N PRO C 190 -28.19 1.66 21.77
CA PRO C 190 -29.40 1.29 22.61
C PRO C 190 -29.15 0.97 24.12
N GLU C 191 -29.00 2.03 24.97
CA GLU C 191 -28.95 2.00 26.45
C GLU C 191 -27.50 1.63 26.96
N GLN C 194 -23.64 1.10 26.98
CA GLN C 194 -22.70 0.00 26.38
C GLN C 194 -21.87 -0.73 27.45
N PRO C 195 -21.99 -2.07 27.61
CA PRO C 195 -21.17 -2.82 28.59
C PRO C 195 -19.62 -2.87 28.25
N VAL C 196 -18.84 -2.88 29.36
CA VAL C 196 -17.41 -3.28 29.43
C VAL C 196 -16.83 -4.22 28.40
N THR C 197 -17.00 -5.54 28.46
CA THR C 197 -16.20 -6.36 27.39
C THR C 197 -14.66 -6.62 27.48
N ARG C 198 -13.95 -5.61 27.99
CA ARG C 198 -12.47 -5.58 27.99
C ARG C 198 -11.86 -4.91 29.22
N LYS C 199 -11.14 -5.70 30.02
CA LYS C 199 -10.59 -5.11 31.19
C LYS C 199 -9.76 -3.87 30.92
N GLU C 200 -9.63 -3.10 31.98
CA GLU C 200 -8.87 -1.88 31.89
C GLU C 200 -7.40 -2.15 31.75
N GLY C 201 -6.73 -1.49 30.76
CA GLY C 201 -5.34 -1.64 30.35
C GLY C 201 -5.20 -2.80 29.41
N ASP C 202 -6.19 -3.15 28.72
CA ASP C 202 -6.08 -4.23 27.75
C ASP C 202 -5.24 -3.76 26.49
N TYR C 203 -5.54 -2.63 25.89
CA TYR C 203 -4.82 -2.28 24.66
C TYR C 203 -3.30 -2.18 24.87
N LEU C 204 -2.90 -2.00 26.05
CA LEU C 204 -1.46 -1.69 26.32
C LEU C 204 -0.58 -2.83 25.87
N PRO C 205 -0.71 -3.97 26.47
CA PRO C 205 0.12 -5.12 26.08
C PRO C 205 -0.27 -5.65 24.72
N ARG C 206 -1.50 -5.44 24.27
CA ARG C 206 -1.83 -6.05 23.04
C ARG C 206 -1.37 -5.30 21.82
N TYR C 207 -1.29 -3.99 21.82
CA TYR C 207 -0.97 -3.18 20.66
C TYR C 207 0.20 -2.12 20.91
N ALA C 208 0.47 -1.80 22.17
CA ALA C 208 1.43 -0.73 22.50
C ALA C 208 2.80 -1.23 22.91
N ALA C 209 3.07 -2.55 22.84
CA ALA C 209 4.32 -3.13 23.30
C ALA C 209 5.14 -3.71 22.10
N ASN C 210 4.91 -3.12 20.91
CA ASN C 210 5.68 -3.51 19.70
C ASN C 210 5.50 -4.91 19.23
N LEU C 212 1.74 -7.37 18.00
CA LEU C 212 0.37 -7.37 17.64
C LEU C 212 -0.17 -8.85 17.68
N PRO C 213 -1.45 -9.04 17.91
CA PRO C 213 -2.09 -10.37 17.72
C PRO C 213 -2.06 -10.81 16.21
N LEU C 214 -2.22 -12.12 16.00
CA LEU C 214 -1.94 -12.75 14.71
C LEU C 214 -3.20 -12.66 13.72
N ARG C 215 -4.41 -12.59 14.25
CA ARG C 215 -5.57 -12.66 13.37
C ARG C 215 -6.38 -11.38 13.53
N HIS C 216 -5.70 -10.38 14.12
CA HIS C 216 -6.28 -9.03 14.44
C HIS C 216 -6.93 -8.31 13.17
N GLN C 217 -8.18 -7.87 13.38
CA GLN C 217 -8.85 -7.08 12.37
C GLN C 217 -8.97 -5.55 12.67
N THR C 218 -8.32 -4.80 11.84
CA THR C 218 -8.50 -3.36 12.13
C THR C 218 -8.87 -2.50 10.98
N GLY C 219 -9.37 -1.35 11.33
CA GLY C 219 -9.77 -0.45 10.32
C GLY C 219 -9.56 1.00 10.62
N ASN C 220 -8.60 1.52 9.90
CA ASN C 220 -8.30 2.96 9.85
C ASN C 220 -8.07 3.57 11.20
N SER C 221 -8.08 2.79 12.20
CA SER C 221 -8.21 3.22 13.54
C SER C 221 -6.97 2.64 14.20
N SER C 222 -6.30 3.51 14.88
CA SER C 222 -5.31 3.09 15.88
C SER C 222 -5.97 2.36 17.08
N PRO C 223 -5.67 1.09 17.37
CA PRO C 223 -6.25 0.38 18.44
C PRO C 223 -5.73 0.85 19.79
N ILE C 224 -4.69 1.66 19.79
CA ILE C 224 -4.22 2.37 20.91
C ILE C 224 -5.09 3.63 21.24
N PHE C 225 -5.94 3.56 22.25
CA PHE C 225 -6.76 4.78 22.40
C PHE C 225 -6.30 5.82 23.48
N ASN C 226 -5.22 5.52 24.12
CA ASN C 226 -4.69 6.33 25.13
C ASN C 226 -3.20 6.27 25.01
N TYR C 227 -2.59 7.32 24.43
CA TYR C 227 -1.05 7.44 24.39
C TYR C 227 -0.79 8.22 25.62
N ARG C 228 -0.64 7.45 26.64
CA ARG C 228 -0.24 8.06 27.97
C ARG C 228 0.81 9.22 27.87
N TYR C 229 0.65 10.26 28.64
CA TYR C 229 1.72 11.29 28.78
C TYR C 229 2.90 10.73 29.50
N ASP C 230 2.75 10.09 30.61
CA ASP C 230 3.94 9.66 31.34
C ASP C 230 4.81 8.89 30.34
N ARG C 231 4.30 8.03 29.50
CA ARG C 231 5.18 7.35 28.53
C ARG C 231 5.64 8.33 27.51
N SER C 232 4.79 9.20 27.04
CA SER C 232 5.11 10.23 26.03
C SER C 232 6.05 11.36 26.42
N ARG C 233 5.93 11.81 27.60
CA ARG C 233 6.82 12.82 28.17
C ARG C 233 8.21 12.16 28.34
N GLU C 234 8.22 10.87 28.73
CA GLU C 234 9.46 10.19 28.92
C GLU C 234 10.13 10.00 27.65
N VAL C 235 9.39 9.86 26.57
CA VAL C 235 10.07 9.75 25.32
C VAL C 235 10.94 11.04 25.02
N LEU C 236 10.28 12.18 24.98
CA LEU C 236 10.92 13.45 24.66
C LEU C 236 12.07 13.71 25.58
N HIS C 237 11.90 13.49 26.87
CA HIS C 237 13.07 13.53 27.84
C HIS C 237 14.22 12.63 27.39
N ASP C 238 13.88 11.41 27.06
CA ASP C 238 14.90 10.37 26.65
C ASP C 238 15.58 10.80 25.38
N LEU C 239 14.98 11.73 24.67
CA LEU C 239 15.50 12.21 23.42
C LEU C 239 16.57 13.25 23.74
N THR C 240 16.27 14.10 24.73
CA THR C 240 17.30 15.09 25.08
C THR C 240 18.65 14.56 25.48
N ARG C 241 18.67 13.38 25.88
CA ARG C 241 19.90 12.75 26.39
C ARG C 241 20.69 12.13 25.18
N LEU C 242 20.12 12.27 24.05
CA LEU C 242 20.56 11.43 22.93
C LEU C 242 21.06 12.30 21.85
N GLY C 243 20.92 13.60 21.94
CA GLY C 243 21.32 14.46 20.83
C GLY C 243 20.79 15.84 20.90
N ASP C 244 21.23 16.68 19.98
CA ASP C 244 20.76 18.02 19.93
C ASP C 244 19.30 18.18 19.48
N ALA C 245 18.83 19.35 19.75
CA ALA C 245 17.49 19.69 19.42
C ALA C 245 17.47 20.00 17.98
N ASP C 246 16.41 19.57 17.28
CA ASP C 246 16.15 20.03 15.90
C ASP C 246 16.03 21.56 16.02
N GLU C 247 16.71 22.22 15.18
CA GLU C 247 16.78 23.63 15.20
C GLU C 247 15.44 24.33 14.97
N TRP C 248 14.57 23.68 14.27
CA TRP C 248 13.22 24.21 14.03
C TRP C 248 12.09 23.74 15.08
N ASP C 249 12.09 22.47 15.53
CA ASP C 249 11.00 21.90 16.34
C ASP C 249 11.35 21.56 17.75
N GLY C 250 12.62 21.63 18.14
CA GLY C 250 13.02 21.05 19.36
C GLY C 250 13.17 19.55 19.16
N TYR C 251 12.71 18.81 20.17
CA TYR C 251 12.56 17.39 20.12
C TYR C 251 11.09 17.02 19.83
N LYS C 252 10.87 16.70 18.58
CA LYS C 252 9.52 16.51 18.08
C LYS C 252 9.23 15.08 17.61
N ARG C 254 5.74 12.27 16.32
CA ARG C 254 4.38 12.03 15.90
C ARG C 254 3.92 10.79 16.55
N TYR C 255 2.69 10.81 17.10
CA TYR C 255 2.08 9.66 17.65
C TYR C 255 1.74 8.71 16.48
N VAL C 256 1.89 7.42 16.63
CA VAL C 256 1.86 6.42 15.49
C VAL C 256 0.92 5.24 15.89
N ASN C 257 0.15 4.82 14.87
CA ASN C 257 -0.65 3.69 14.81
C ASN C 257 0.19 2.52 14.63
N PRO C 258 0.20 1.65 15.64
CA PRO C 258 1.11 0.52 15.61
C PRO C 258 0.72 -0.55 14.54
N VAL C 259 -0.53 -0.51 14.10
CA VAL C 259 -0.98 -1.48 13.07
C VAL C 259 -0.48 -1.14 11.71
N THR C 260 -0.24 0.15 11.53
CA THR C 260 0.04 0.64 10.15
C THR C 260 1.22 1.47 10.10
N GLY C 261 1.69 2.00 11.23
CA GLY C 261 2.78 2.96 11.20
C GLY C 261 2.48 4.35 10.83
N GLY C 262 1.24 4.58 10.57
CA GLY C 262 0.71 5.87 10.06
C GLY C 262 0.05 6.63 11.25
N TYR C 263 -0.76 7.64 10.89
CA TYR C 263 -1.54 8.58 11.72
C TYR C 263 -2.53 7.81 12.51
N PRO C 264 -2.77 8.22 13.79
CA PRO C 264 -3.74 7.61 14.66
C PRO C 264 -5.17 7.63 14.18
N PRO C 266 -7.44 8.86 10.39
CA PRO C 266 -7.20 9.22 9.00
C PRO C 266 -7.24 10.71 8.78
N SER C 267 -8.09 11.46 9.40
CA SER C 267 -8.09 12.90 9.14
C SER C 267 -7.23 13.77 10.04
N GLY C 269 -3.75 14.41 12.56
CA GLY C 269 -2.42 14.09 13.03
C GLY C 269 -2.08 14.75 14.34
N ALA C 270 -1.25 14.14 15.09
CA ALA C 270 -0.98 14.58 16.45
C ALA C 270 0.49 14.54 16.77
N PHE C 271 1.01 15.65 17.39
CA PHE C 271 2.36 15.78 17.75
C PHE C 271 2.65 16.10 19.15
N LEU C 272 3.79 15.67 19.65
CA LEU C 272 4.39 16.16 20.88
C LEU C 272 5.80 16.57 20.70
N GLN C 273 6.10 17.83 21.08
CA GLN C 273 7.44 18.37 20.99
C GLN C 273 7.94 18.97 22.28
N LEU C 274 9.29 18.90 22.48
CA LEU C 274 9.97 19.44 23.67
C LEU C 274 10.90 20.58 23.30
N LEU C 275 10.66 21.73 23.92
CA LEU C 275 11.38 23.03 23.57
C LEU C 275 12.09 23.37 24.83
N PRO C 276 13.34 22.97 24.98
CA PRO C 276 14.15 23.19 26.18
C PRO C 276 14.15 24.60 26.51
N LYS C 277 14.43 24.91 27.76
CA LYS C 277 14.61 26.29 28.22
C LYS C 277 15.78 26.90 27.53
N GLY C 278 15.57 28.14 27.05
CA GLY C 278 16.50 28.97 26.37
C GLY C 278 16.49 28.88 24.86
N PHE C 279 15.60 28.02 24.35
CA PHE C 279 15.67 27.65 22.97
C PHE C 279 15.08 28.81 22.13
N ALA C 280 15.64 29.03 20.96
CA ALA C 280 15.27 30.08 20.01
C ALA C 280 15.23 29.47 18.58
N SER C 281 14.10 28.96 18.23
CA SER C 281 14.06 28.15 17.08
C SER C 281 14.23 28.95 15.89
N ARG C 282 14.50 28.27 14.80
CA ARG C 282 14.36 28.97 13.45
C ARG C 282 12.90 28.93 13.04
N VAL C 283 12.56 29.51 11.89
CA VAL C 283 11.21 29.65 11.42
C VAL C 283 10.87 28.63 10.39
N ALA C 284 9.67 28.03 10.54
CA ALA C 284 9.21 26.98 9.61
C ALA C 284 7.79 27.28 9.12
N ARG C 285 7.39 26.60 8.06
CA ARG C 285 6.07 26.73 7.48
C ARG C 285 5.62 25.45 6.98
N THR C 286 4.31 25.24 7.09
CA THR C 286 3.68 24.03 6.66
C THR C 286 2.31 24.38 6.16
N THR C 287 1.78 23.60 5.27
CA THR C 287 0.41 23.84 4.73
C THR C 287 -0.71 23.46 5.67
N ASP C 288 -0.36 22.78 6.74
CA ASP C 288 -1.34 22.38 7.69
C ASP C 288 -1.51 23.30 8.80
N SER C 289 -2.72 23.76 8.91
CA SER C 289 -3.07 24.69 9.99
C SER C 289 -3.02 23.98 11.28
N THR C 290 -2.20 24.41 12.26
CA THR C 290 -1.96 23.68 13.48
C THR C 290 -2.52 24.31 14.78
N ILE C 291 -3.10 23.45 15.64
CA ILE C 291 -3.53 23.80 16.95
C ILE C 291 -2.44 23.34 17.95
N TYR C 292 -1.80 24.28 18.65
CA TYR C 292 -0.79 23.98 19.68
C TYR C 292 -1.38 24.15 21.02
N HIS C 293 -0.87 23.33 21.98
CA HIS C 293 -1.35 23.35 23.32
C HIS C 293 -0.21 23.13 24.22
N VAL C 294 0.04 24.12 25.08
CA VAL C 294 1.14 24.03 25.97
C VAL C 294 0.75 23.09 27.10
N VAL C 295 1.23 21.83 27.08
CA VAL C 295 1.03 20.97 28.23
C VAL C 295 1.76 21.55 29.49
N GLU C 296 2.94 22.04 29.29
CA GLU C 296 3.75 22.78 30.32
C GLU C 296 4.75 23.69 29.76
N GLY C 297 5.30 24.51 30.63
CA GLY C 297 6.30 25.47 30.20
C GLY C 297 5.83 26.84 29.79
N SER C 298 6.69 27.69 29.25
CA SER C 298 6.33 29.06 28.90
C SER C 298 7.32 29.72 27.99
N GLY C 299 6.91 30.72 27.29
CA GLY C 299 7.76 31.33 26.28
C GLY C 299 7.02 32.26 25.35
N GLN C 300 7.64 32.60 24.22
CA GLN C 300 7.08 33.35 23.09
C GLN C 300 6.87 32.53 21.83
N VAL C 301 5.91 32.95 21.01
CA VAL C 301 5.77 32.37 19.70
C VAL C 301 5.58 33.39 18.67
N ILE C 302 6.23 33.29 17.54
CA ILE C 302 6.25 34.36 16.51
C ILE C 302 5.46 33.60 15.33
N ILE C 303 4.20 33.96 15.15
CA ILE C 303 3.38 33.37 14.11
C ILE C 303 3.18 34.34 12.99
N GLY C 304 4.00 34.19 11.96
CA GLY C 304 4.14 35.11 10.82
C GLY C 304 3.93 36.62 11.01
N ASN C 305 4.91 37.32 11.53
CA ASN C 305 4.74 38.80 11.81
C ASN C 305 4.05 39.15 13.11
N GLU C 306 3.43 38.18 13.80
CA GLU C 306 2.72 38.41 15.09
C GLU C 306 3.16 37.47 16.24
N THR C 307 3.16 37.95 17.46
CA THR C 307 3.89 37.24 18.49
C THR C 307 3.02 37.07 19.74
N PHE C 308 3.15 35.96 20.44
CA PHE C 308 2.33 35.74 21.57
C PHE C 308 3.10 35.24 22.75
N SER C 309 2.72 35.71 23.88
CA SER C 309 3.24 35.14 25.13
C SER C 309 2.48 33.93 25.61
N PHE C 310 3.14 32.83 26.00
CA PHE C 310 2.37 31.66 26.35
C PHE C 310 2.83 31.14 27.66
N SER C 311 1.90 30.45 28.34
CA SER C 311 2.12 29.84 29.61
C SER C 311 1.30 28.52 29.60
N ALA C 312 1.59 27.70 30.61
CA ALA C 312 0.95 26.43 30.78
C ALA C 312 -0.51 26.36 30.31
N LYS C 313 -0.78 25.33 29.50
CA LYS C 313 -2.10 24.91 29.11
C LYS C 313 -2.75 25.84 27.95
N ASP C 314 -2.16 27.01 27.64
CA ASP C 314 -2.67 27.82 26.58
C ASP C 314 -2.74 27.09 25.24
N ILE C 315 -3.40 27.70 24.31
CA ILE C 315 -3.52 27.15 22.97
C ILE C 315 -3.39 28.22 21.94
N PHE C 316 -2.84 27.91 20.77
CA PHE C 316 -2.75 28.87 19.71
C PHE C 316 -2.74 28.14 18.34
N VAL C 317 -3.12 28.87 17.29
CA VAL C 317 -3.25 28.30 16.01
C VAL C 317 -2.27 28.87 15.03
N VAL C 318 -1.49 28.04 14.29
CA VAL C 318 -0.55 28.59 13.23
C VAL C 318 -1.25 28.26 11.90
N PRO C 319 -1.87 29.21 11.26
CA PRO C 319 -2.51 28.93 9.95
C PRO C 319 -1.48 28.56 8.83
N THR C 320 -1.98 27.89 7.80
CA THR C 320 -1.07 27.43 6.75
C THR C 320 -0.05 28.50 6.35
N TRP C 321 1.14 28.03 5.97
CA TRP C 321 2.26 28.89 5.38
C TRP C 321 2.53 30.21 6.20
N HIS C 322 2.08 30.26 7.45
CA HIS C 322 2.60 31.28 8.41
C HIS C 322 3.86 30.82 9.18
N GLY C 323 4.91 31.62 9.12
CA GLY C 323 6.24 31.24 9.72
C GLY C 323 5.99 31.12 11.21
N VAL C 324 6.67 30.19 11.89
CA VAL C 324 6.44 29.92 13.31
C VAL C 324 7.83 29.67 13.89
N SER C 325 8.06 30.19 15.08
CA SER C 325 9.31 30.06 15.75
C SER C 325 9.05 30.19 17.15
N PHE C 326 9.97 29.78 17.98
CA PHE C 326 9.70 29.82 19.39
C PHE C 326 10.91 30.36 20.13
N GLN C 327 10.70 30.83 21.35
CA GLN C 327 11.72 31.26 22.26
C GLN C 327 11.17 30.89 23.62
N THR C 328 11.67 29.85 24.21
CA THR C 328 11.18 29.46 25.55
C THR C 328 12.03 29.95 26.79
N THR C 329 11.37 30.31 27.88
CA THR C 329 12.12 30.59 29.12
C THR C 329 12.24 29.36 30.13
N GLN C 330 11.47 28.29 29.87
CA GLN C 330 11.41 27.11 30.59
C GLN C 330 11.36 25.97 29.58
N ASP C 331 11.60 24.78 30.03
CA ASP C 331 11.44 23.64 29.17
C ASP C 331 9.99 23.54 28.86
N SER C 332 9.67 23.52 27.55
CA SER C 332 8.28 23.53 27.10
C SER C 332 7.80 22.32 26.32
N VAL C 333 6.57 21.92 26.47
CA VAL C 333 6.07 20.70 25.79
C VAL C 333 4.75 21.12 25.16
N LEU C 334 4.69 20.96 23.87
CA LEU C 334 3.60 21.43 23.04
C LEU C 334 2.89 20.20 22.43
N PHE C 335 1.51 20.11 22.57
CA PHE C 335 0.66 19.16 21.94
C PHE C 335 0.18 19.84 20.71
N SER C 336 0.18 19.15 19.54
CA SER C 336 -0.47 19.74 18.38
C SER C 336 -1.10 18.77 17.48
N PHE C 337 -2.05 19.29 16.77
CA PHE C 337 -2.73 18.43 15.78
C PHE C 337 -3.11 19.32 14.60
N SER C 338 -3.32 18.68 13.45
CA SER C 338 -3.79 19.36 12.25
C SER C 338 -4.47 18.33 11.33
N ASP C 339 -4.94 18.82 10.21
CA ASP C 339 -5.41 17.98 9.07
C ASP C 339 -4.27 17.48 8.18
N ARG C 340 -3.10 17.35 8.75
CA ARG C 340 -2.02 16.82 7.91
C ARG C 340 -2.28 15.59 7.09
N PRO C 341 -2.86 14.60 7.73
CA PRO C 341 -3.08 13.34 7.04
C PRO C 341 -3.83 13.44 5.82
N VAL C 342 -4.77 14.38 5.80
CA VAL C 342 -5.64 14.38 4.59
C VAL C 342 -4.86 15.04 3.39
N GLN C 343 -4.00 15.95 3.74
CA GLN C 343 -3.17 16.65 2.84
C GLN C 343 -2.05 15.73 2.29
N GLU C 344 -1.45 14.83 3.08
CA GLU C 344 -0.55 13.92 2.57
C GLU C 344 -1.20 12.88 1.74
N ALA C 345 -2.36 12.43 2.11
CA ALA C 345 -3.02 11.43 1.31
C ALA C 345 -3.16 12.00 -0.13
N LEU C 346 -3.63 13.21 -0.21
CA LEU C 346 -3.65 14.00 -1.49
C LEU C 346 -2.23 14.56 -1.54
N GLY C 347 -1.59 14.63 -2.66
CA GLY C 347 -0.09 14.82 -2.50
C GLY C 347 0.19 16.33 -2.31
N LEU C 348 -0.48 16.96 -1.36
CA LEU C 348 -0.61 18.44 -1.21
C LEU C 348 0.19 18.99 0.03
N PHE C 349 0.62 18.13 0.92
CA PHE C 349 1.42 18.63 2.06
C PHE C 349 2.71 19.22 1.62
N ARG C 350 3.13 20.27 2.31
CA ARG C 350 4.39 20.99 1.99
C ARG C 350 4.91 21.74 3.16
N GLU C 351 6.20 21.59 3.48
CA GLU C 351 6.87 22.37 4.54
C GLU C 351 8.20 23.10 4.00
N ALA C 352 8.50 24.27 4.54
CA ALA C 352 9.72 25.01 4.21
C ALA C 352 10.37 25.19 5.52
N ARG C 353 11.61 24.78 5.61
CA ARG C 353 12.41 25.01 6.81
C ARG C 353 13.47 26.01 6.50
N TYR C 354 13.29 27.25 6.95
CA TYR C 354 14.18 28.38 6.67
C TYR C 354 15.40 28.60 7.52
N PRO D 45 -0.51 -32.08 -7.58
CA PRO D 45 0.08 -32.15 -6.08
C PRO D 45 -0.86 -31.62 -5.03
N LYS D 46 -1.57 -32.50 -4.35
CA LYS D 46 -2.65 -32.02 -3.48
C LYS D 46 -1.83 -31.77 -2.28
N THR D 47 -2.01 -30.80 -1.47
CA THR D 47 -1.28 -30.71 -0.18
C THR D 47 0.26 -30.63 -0.29
N PRO D 48 0.81 -29.76 0.54
CA PRO D 48 2.22 -29.53 0.38
C PRO D 48 3.13 -30.72 0.56
N ASN D 49 4.02 -30.88 -0.39
CA ASN D 49 5.12 -31.81 -0.24
C ASN D 49 5.95 -31.50 1.05
N ALA D 50 6.68 -32.51 1.59
CA ALA D 50 7.57 -32.37 2.74
C ALA D 50 8.56 -31.16 2.47
N ASN D 51 9.57 -31.32 1.71
CA ASN D 51 10.64 -30.28 1.85
C ASN D 51 10.95 -29.91 3.28
N CYS D 52 11.69 -30.77 3.91
CA CYS D 52 12.00 -30.67 5.32
C CYS D 52 11.19 -31.58 6.27
N ALA D 53 11.95 -32.27 7.14
CA ALA D 53 11.44 -33.12 8.08
C ALA D 53 11.33 -32.57 9.48
N PRO D 54 10.36 -33.09 10.22
CA PRO D 54 10.33 -32.72 11.69
C PRO D 54 11.65 -32.98 12.41
N ALA D 55 12.06 -32.18 13.41
CA ALA D 55 13.41 -32.20 13.95
C ALA D 55 13.55 -31.48 15.29
N TYR D 56 14.41 -32.08 16.06
CA TYR D 56 14.52 -31.83 17.46
C TYR D 56 16.00 -31.79 17.69
N TRP D 57 16.38 -30.86 18.58
CA TRP D 57 17.72 -30.76 19.11
C TRP D 57 17.66 -30.37 20.61
N ASN D 58 18.08 -31.21 21.48
CA ASN D 58 18.15 -31.01 22.91
C ASN D 58 19.35 -30.13 23.26
N TYR D 59 19.13 -29.05 23.93
CA TYR D 59 20.17 -28.11 24.12
C TYR D 59 21.32 -28.68 24.95
N GLN D 60 21.49 -30.02 25.00
CA GLN D 60 22.91 -30.69 25.15
C GLN D 60 23.84 -30.85 23.94
N GLU D 61 23.74 -30.04 22.90
CA GLU D 61 24.78 -29.95 21.87
C GLU D 61 25.92 -28.84 22.07
N ILE D 62 27.11 -29.05 21.32
CA ILE D 62 28.70 -28.59 21.47
C ILE D 62 29.09 -28.73 22.88
N ARG D 63 28.24 -28.03 23.60
CA ARG D 63 28.17 -28.19 24.99
C ARG D 63 27.59 -29.56 25.23
N LEU D 83 30.51 -21.14 15.97
CA LEU D 83 29.27 -21.46 15.18
C LEU D 83 28.86 -22.97 14.91
N VAL D 84 27.60 -23.37 15.13
CA VAL D 84 27.09 -24.79 14.84
C VAL D 84 25.81 -24.92 14.02
N LEU D 85 25.94 -25.40 12.77
CA LEU D 85 24.79 -25.64 11.97
C LEU D 85 23.83 -26.69 12.42
N GLU D 86 22.53 -26.41 12.12
CA GLU D 86 21.43 -27.35 12.34
C GLU D 86 20.73 -27.52 11.08
N ASN D 87 20.77 -28.73 10.55
CA ASN D 87 19.98 -29.10 9.31
C ASN D 87 19.11 -30.39 9.46
N PRO D 88 17.92 -30.58 8.78
CA PRO D 88 17.09 -31.87 8.77
C PRO D 88 17.48 -32.79 7.56
N ALA D 89 16.53 -33.66 6.98
CA ALA D 89 16.44 -34.19 5.58
C ALA D 89 17.00 -33.42 4.43
N LEU D 90 17.84 -32.48 4.75
CA LEU D 90 18.55 -31.69 3.79
C LEU D 90 20.05 -31.85 4.24
N ARG D 91 20.41 -33.04 4.67
CA ARG D 91 21.83 -33.24 4.92
C ARG D 91 22.85 -32.47 4.02
N GLY D 92 23.68 -31.67 4.69
CA GLY D 92 24.78 -30.96 4.05
C GLY D 92 24.37 -29.88 3.11
N GLN D 93 23.23 -29.34 3.38
CA GLN D 93 22.67 -28.15 2.75
C GLN D 93 22.67 -26.91 3.71
N SER D 94 23.22 -27.04 4.92
CA SER D 94 23.28 -25.95 5.86
C SER D 94 21.97 -25.22 5.95
N SER D 95 20.86 -25.89 6.22
CA SER D 95 19.60 -25.19 6.31
C SER D 95 18.59 -25.92 7.11
N ILE D 96 17.88 -25.26 8.03
CA ILE D 96 17.03 -25.97 9.04
C ILE D 96 15.75 -26.21 8.40
N THR D 97 15.47 -25.39 7.37
CA THR D 97 14.26 -25.51 6.53
C THR D 97 14.82 -25.52 5.09
N ALA D 98 13.93 -25.63 4.11
CA ALA D 98 14.33 -25.44 2.71
C ALA D 98 14.58 -23.98 2.37
N THR D 99 14.03 -23.05 3.16
CA THR D 99 14.26 -21.69 3.03
C THR D 99 15.15 -20.98 3.88
N LEU D 100 15.16 -21.36 5.14
CA LEU D 100 15.90 -20.65 6.24
C LEU D 100 17.08 -21.49 6.82
N TYR D 101 17.98 -20.79 7.41
CA TYR D 101 19.15 -21.34 8.11
C TYR D 101 18.98 -21.07 9.62
N ALA D 102 19.39 -22.02 10.39
CA ALA D 102 19.53 -21.82 11.76
C ALA D 102 20.81 -22.53 12.36
N GLY D 103 21.35 -21.95 13.42
CA GLY D 103 22.49 -22.53 14.07
C GLY D 103 22.78 -21.91 15.38
N LEU D 104 23.73 -22.40 16.15
CA LEU D 104 24.03 -21.67 17.37
C LEU D 104 25.33 -20.96 17.19
N GLN D 105 25.56 -20.01 18.00
CA GLN D 105 26.84 -19.22 17.93
C GLN D 105 27.24 -18.80 19.40
N LEU D 106 28.58 -18.87 19.65
CA LEU D 106 29.34 -18.60 20.90
C LEU D 106 30.31 -17.53 20.67
N ILE D 107 30.35 -16.63 21.58
CA ILE D 107 31.40 -15.64 21.54
C ILE D 107 32.09 -15.77 22.89
N PRO D 109 34.78 -14.79 25.80
CA PRO D 109 35.20 -13.46 26.38
C PRO D 109 36.40 -12.79 25.72
N GLY D 110 36.32 -11.52 25.49
CA GLY D 110 37.31 -10.73 24.79
C GLY D 110 37.07 -10.74 23.30
N GLU D 111 36.28 -11.70 22.73
CA GLU D 111 36.25 -11.71 21.26
C GLU D 111 35.36 -10.60 20.72
N VAL D 112 35.72 -10.07 19.56
CA VAL D 112 35.09 -8.99 18.92
C VAL D 112 34.99 -9.43 17.52
N ALA D 113 34.13 -8.90 16.69
CA ALA D 113 34.12 -9.20 15.28
C ALA D 113 34.04 -7.94 14.48
N PRO D 114 34.54 -8.05 13.28
CA PRO D 114 34.57 -6.88 12.36
C PRO D 114 33.19 -6.67 11.86
N SER D 115 32.92 -5.56 11.28
CA SER D 115 31.59 -5.19 10.90
C SER D 115 31.46 -5.39 9.46
N HIS D 116 30.35 -6.03 9.05
CA HIS D 116 30.00 -6.25 7.65
C HIS D 116 28.52 -5.94 7.20
N ARG D 117 28.22 -6.36 5.99
CA ARG D 117 26.86 -6.16 5.54
C ARG D 117 26.55 -7.13 4.43
N HIS D 118 25.33 -7.60 4.34
CA HIS D 118 24.97 -8.47 3.19
C HIS D 118 23.43 -8.37 2.90
N ASN D 119 22.95 -8.94 1.82
CA ASN D 119 21.50 -8.90 1.56
C ASN D 119 20.69 -9.89 2.45
N GLN D 120 21.31 -10.92 2.96
CA GLN D 120 20.66 -11.91 3.81
C GLN D 120 20.24 -11.14 5.03
N SER D 121 18.96 -11.44 5.47
CA SER D 121 18.39 -10.97 6.71
C SER D 121 18.82 -11.96 7.89
N ALA D 122 18.83 -11.40 9.14
CA ALA D 122 19.28 -12.15 10.21
C ALA D 122 18.73 -11.76 11.54
N LEU D 123 18.38 -12.71 12.36
CA LEU D 123 17.89 -12.50 13.74
C LEU D 123 18.75 -13.27 14.67
N ARG D 124 18.88 -12.76 15.89
CA ARG D 124 19.62 -13.41 16.94
C ARG D 124 18.75 -13.44 18.14
N PHE D 125 18.53 -14.62 18.67
CA PHE D 125 17.76 -14.81 19.87
C PHE D 125 18.77 -15.33 20.96
N ILE D 126 19.02 -14.49 21.92
CA ILE D 126 20.05 -14.80 22.95
C ILE D 126 19.62 -16.00 23.90
N VAL D 127 20.48 -17.02 23.94
CA VAL D 127 20.31 -18.21 24.68
C VAL D 127 20.79 -18.07 26.13
N GLU D 128 21.98 -17.52 26.31
CA GLU D 128 22.67 -17.43 27.65
C GLU D 128 23.87 -16.61 27.57
N GLY D 129 24.08 -15.89 28.63
CA GLY D 129 25.25 -15.06 28.82
C GLY D 129 25.04 -13.57 28.59
N LYS D 130 25.61 -12.84 29.53
CA LYS D 130 25.43 -11.41 29.67
C LYS D 130 26.81 -10.77 29.58
N GLY D 131 26.81 -9.50 29.15
CA GLY D 131 28.01 -8.74 28.92
C GLY D 131 28.50 -8.57 27.49
N ALA D 132 27.87 -9.29 26.57
CA ALA D 132 28.13 -9.08 25.13
C ALA D 132 27.27 -7.95 24.47
N PHE D 133 27.61 -7.48 23.24
CA PHE D 133 26.76 -6.62 22.56
C PHE D 133 26.72 -6.89 21.11
N THR D 134 25.61 -6.50 20.46
CA THR D 134 25.60 -6.50 18.96
C THR D 134 25.39 -5.10 18.53
N ALA D 135 26.06 -4.64 17.48
CA ALA D 135 25.82 -3.29 16.97
C ALA D 135 25.10 -3.35 15.62
N VAL D 136 24.28 -2.41 15.35
CA VAL D 136 23.70 -2.28 14.06
C VAL D 136 23.81 -0.87 13.72
N ASP D 137 24.43 -0.61 12.56
CA ASP D 137 24.64 0.70 11.87
C ASP D 137 25.13 1.72 12.83
N GLY D 138 26.11 1.31 13.60
CA GLY D 138 26.69 2.21 14.55
C GLY D 138 26.08 2.21 15.99
N GLU D 139 25.11 1.36 16.29
CA GLU D 139 24.56 1.45 17.56
C GLU D 139 24.63 0.13 18.23
N ARG D 140 25.03 0.13 19.51
CA ARG D 140 25.16 -1.02 20.25
C ARG D 140 23.92 -1.26 21.09
N THR D 141 23.63 -2.52 21.25
CA THR D 141 22.64 -2.97 22.18
C THR D 141 23.07 -4.21 23.00
N PRO D 142 22.92 -4.13 24.30
CA PRO D 142 23.34 -5.21 25.13
C PRO D 142 22.55 -6.44 24.83
N ASN D 144 20.84 -9.40 26.20
CA ASN D 144 20.36 -10.28 27.26
C ASN D 144 19.45 -11.54 26.91
N GLU D 145 19.40 -12.58 27.77
CA GLU D 145 18.64 -13.76 27.55
C GLU D 145 17.23 -13.49 26.99
N GLY D 146 16.99 -13.98 25.79
CA GLY D 146 15.60 -14.04 25.39
C GLY D 146 15.36 -12.79 24.46
N ASP D 147 16.36 -11.90 24.31
CA ASP D 147 16.24 -10.70 23.42
C ASP D 147 16.11 -11.19 21.97
N PHE D 148 15.23 -10.55 21.19
CA PHE D 148 15.13 -10.86 19.77
C PHE D 148 15.85 -9.73 19.04
N ILE D 149 17.10 -9.94 18.72
CA ILE D 149 17.97 -8.97 18.07
C ILE D 149 17.92 -9.17 16.50
N LEU D 150 17.86 -8.10 15.77
CA LEU D 150 17.86 -8.26 14.37
C LEU D 150 19.12 -7.52 13.80
N THR D 151 19.63 -8.02 12.68
CA THR D 151 20.53 -7.23 11.92
C THR D 151 19.93 -7.19 10.52
N PRO D 152 19.30 -6.06 10.21
CA PRO D 152 18.67 -5.83 8.88
C PRO D 152 19.55 -5.97 7.68
N GLN D 153 18.92 -6.18 6.49
CA GLN D 153 19.55 -6.76 5.30
C GLN D 153 20.53 -5.91 4.58
N TRP D 154 20.70 -4.64 4.85
CA TRP D 154 21.85 -4.09 4.15
C TRP D 154 22.41 -3.00 5.03
N ARG D 155 22.56 -3.39 6.30
CA ARG D 155 22.99 -2.50 7.39
C ARG D 155 24.15 -3.17 8.15
N TRP D 156 25.18 -2.38 8.40
CA TRP D 156 26.39 -2.77 9.15
C TRP D 156 26.04 -3.39 10.41
N HIS D 157 26.73 -4.43 10.76
CA HIS D 157 26.57 -5.08 12.04
C HIS D 157 27.88 -5.75 12.53
N ASP D 158 27.99 -5.92 13.80
CA ASP D 158 29.12 -6.60 14.30
C ASP D 158 28.74 -6.79 15.73
N HIS D 159 29.67 -7.33 16.54
CA HIS D 159 29.46 -7.56 17.94
C HIS D 159 30.78 -7.70 18.76
N GLY D 160 30.70 -7.92 20.07
CA GLY D 160 31.80 -8.44 20.84
C GLY D 160 31.45 -8.61 22.24
N ASN D 161 32.18 -9.42 23.04
CA ASN D 161 32.09 -9.18 24.43
C ASN D 161 33.35 -8.90 25.11
N PRO D 162 33.44 -7.71 25.67
CA PRO D 162 34.57 -7.38 26.58
C PRO D 162 34.29 -7.89 28.07
N GLY D 163 33.43 -8.96 28.16
CA GLY D 163 32.94 -9.56 29.33
C GLY D 163 33.70 -10.82 29.75
N ASP D 164 33.10 -11.51 30.75
CA ASP D 164 33.62 -12.65 31.45
C ASP D 164 32.73 -13.81 31.18
N GLU D 165 31.76 -13.72 30.29
CA GLU D 165 30.87 -14.87 30.14
C GLU D 165 30.81 -15.22 28.72
N PRO D 166 30.85 -16.54 28.47
CA PRO D 166 30.59 -17.06 27.14
C PRO D 166 29.13 -16.61 26.84
N VAL D 167 28.89 -16.25 25.64
CA VAL D 167 27.55 -15.76 25.27
C VAL D 167 27.12 -16.52 24.04
N ILE D 168 25.90 -17.06 24.08
CA ILE D 168 25.44 -17.99 23.05
C ILE D 168 24.10 -17.48 22.51
N TRP D 169 23.92 -17.58 21.25
CA TRP D 169 22.72 -17.24 20.59
C TRP D 169 22.29 -18.05 19.47
N LEU D 170 21.00 -17.91 19.06
CA LEU D 170 20.35 -18.56 17.89
C LEU D 170 20.32 -17.68 16.76
N ASP D 171 20.86 -18.15 15.69
CA ASP D 171 20.96 -17.31 14.48
C ASP D 171 19.99 -17.95 13.58
N GLY D 172 19.37 -17.17 12.73
CA GLY D 172 18.38 -17.56 11.76
C GLY D 172 18.61 -16.57 10.65
N LEU D 173 18.74 -17.03 9.41
CA LEU D 173 18.93 -16.23 8.25
C LEU D 173 18.34 -16.90 7.07
N ASP D 174 18.04 -16.11 6.08
CA ASP D 174 17.35 -16.61 4.88
C ASP D 174 18.34 -16.89 3.75
N LEU D 175 19.56 -17.25 4.16
CA LEU D 175 20.54 -17.73 3.26
C LEU D 175 20.10 -18.67 2.16
N PRO D 176 19.51 -19.82 2.47
CA PRO D 176 19.01 -20.72 1.35
C PRO D 176 17.97 -19.98 0.43
N LEU D 177 17.13 -19.09 1.00
CA LEU D 177 16.16 -18.39 0.13
C LEU D 177 16.83 -17.31 -0.75
N VAL D 178 17.74 -16.55 -0.21
CA VAL D 178 18.40 -15.62 -1.02
C VAL D 178 19.25 -16.32 -1.98
N ASN D 179 19.65 -17.48 -1.59
CA ASN D 179 20.48 -18.20 -2.56
C ASN D 179 19.69 -18.79 -3.78
N ILE D 180 18.41 -19.19 -3.61
CA ILE D 180 17.72 -19.65 -4.77
C ILE D 180 17.09 -18.45 -5.55
N LEU D 181 16.91 -17.35 -4.89
CA LEU D 181 16.47 -16.19 -5.67
C LEU D 181 17.57 -15.51 -6.43
N GLY D 182 18.81 -15.69 -6.07
CA GLY D 182 19.90 -15.14 -6.82
C GLY D 182 20.26 -13.72 -6.31
N CYS D 183 20.24 -13.40 -5.04
CA CYS D 183 20.30 -12.07 -4.57
C CYS D 183 21.30 -11.92 -3.41
N GLY D 184 22.39 -12.69 -3.45
CA GLY D 184 23.45 -12.59 -2.45
C GLY D 184 24.49 -11.56 -2.67
N PHE D 185 24.54 -10.49 -1.88
CA PHE D 185 25.67 -9.55 -2.08
C PHE D 185 26.27 -9.39 -0.69
N ALA D 186 27.54 -9.08 -0.62
CA ALA D 186 28.20 -8.86 0.67
C ALA D 186 29.40 -8.05 0.51
N GLU D 187 29.61 -7.15 1.49
CA GLU D 187 30.75 -6.33 1.58
C GLU D 187 31.16 -6.06 2.96
N ASP D 188 32.49 -5.99 3.06
CA ASP D 188 33.18 -5.61 4.35
C ASP D 188 33.19 -4.08 4.60
N TYR D 189 33.07 -3.69 5.86
CA TYR D 189 33.30 -2.30 6.26
C TYR D 189 34.79 -1.87 5.79
N PRO D 190 34.98 -0.68 5.26
CA PRO D 190 36.31 -0.13 4.94
C PRO D 190 37.44 -0.23 6.00
N PRO D 195 32.97 2.43 13.84
CA PRO D 195 32.41 3.77 14.00
C PRO D 195 31.03 3.82 14.70
N VAL D 196 31.12 4.04 16.04
CA VAL D 196 29.98 4.02 16.92
C VAL D 196 29.20 5.17 16.48
N THR D 197 29.54 6.38 16.83
CA THR D 197 28.60 7.47 16.44
C THR D 197 27.14 7.04 16.47
N ARG D 198 26.52 7.05 17.66
CA ARG D 198 25.20 6.48 18.07
C ARG D 198 25.15 5.92 19.50
N LYS D 199 24.73 6.78 20.44
CA LYS D 199 24.48 6.36 21.80
C LYS D 199 23.65 5.07 21.97
N GLU D 200 24.12 4.20 22.83
CA GLU D 200 23.42 2.95 23.13
C GLU D 200 22.02 3.26 23.70
N GLY D 201 20.99 2.57 23.30
CA GLY D 201 19.67 2.83 23.90
C GLY D 201 18.84 3.80 23.07
N ASP D 202 19.34 4.24 21.89
CA ASP D 202 18.75 5.35 21.09
C ASP D 202 17.41 4.92 20.47
N TYR D 203 17.47 3.75 19.89
CA TYR D 203 16.28 3.26 19.18
C TYR D 203 15.01 3.12 20.11
N LEU D 204 15.22 3.04 21.42
CA LEU D 204 14.13 2.89 22.39
C LEU D 204 13.09 3.95 22.26
N PRO D 205 13.40 5.20 22.64
CA PRO D 205 12.46 6.30 22.52
C PRO D 205 12.20 6.79 21.09
N ARG D 206 13.14 6.52 20.21
CA ARG D 206 13.03 7.05 18.91
C ARG D 206 12.05 6.26 18.09
N TYR D 207 11.90 4.98 18.37
CA TYR D 207 11.02 4.09 17.57
C TYR D 207 10.14 3.12 18.33
N ALA D 208 10.23 3.06 19.64
CA ALA D 208 9.74 1.90 20.34
C ALA D 208 8.85 2.25 21.52
N ALA D 209 8.30 3.45 21.49
CA ALA D 209 7.36 3.96 22.43
C ALA D 209 6.21 4.57 21.66
N ASN D 210 5.84 4.00 20.51
CA ASN D 210 4.52 4.38 19.77
C ASN D 210 4.55 5.76 19.11
N LEU D 212 7.31 8.37 16.43
CA LEU D 212 8.24 8.32 15.47
C LEU D 212 8.65 9.72 15.15
N PRO D 213 9.92 9.86 14.67
CA PRO D 213 10.41 11.15 14.09
C PRO D 213 9.60 11.62 12.76
N LEU D 214 9.54 12.93 12.55
CA LEU D 214 8.71 13.50 11.54
C LEU D 214 9.17 13.14 10.15
N ARG D 215 10.47 12.95 9.95
CA ARG D 215 10.99 12.82 8.59
C ARG D 215 11.83 11.54 8.46
N HIS D 216 11.51 10.58 9.31
CA HIS D 216 12.05 9.21 9.26
C HIS D 216 12.52 8.68 7.82
N GLN D 217 11.49 8.44 6.97
CA GLN D 217 11.81 7.73 5.73
C GLN D 217 12.67 6.36 5.89
N THR D 218 11.98 5.24 5.72
CA THR D 218 12.72 4.04 5.38
C THR D 218 11.88 3.21 4.50
N GLY D 219 12.51 2.24 3.83
CA GLY D 219 11.81 1.17 2.99
C GLY D 219 11.63 -0.19 3.78
N ASN D 220 12.71 -1.01 3.79
CA ASN D 220 12.79 -2.33 4.35
C ASN D 220 13.18 -1.87 5.66
N SER D 221 12.67 -2.45 6.78
CA SER D 221 13.16 -1.88 8.12
C SER D 221 12.95 -2.68 9.31
N SER D 222 12.65 -1.93 10.30
CA SER D 222 12.38 -2.15 11.72
C SER D 222 13.53 -1.56 12.42
N PRO D 223 13.46 -0.25 12.67
CA PRO D 223 14.56 0.44 13.27
C PRO D 223 14.78 -0.10 14.66
N ILE D 224 13.87 -0.91 15.16
CA ILE D 224 14.02 -1.64 16.44
C ILE D 224 14.83 -2.88 16.21
N PHE D 225 16.02 -2.93 16.73
CA PHE D 225 16.84 -4.10 16.53
C PHE D 225 17.01 -4.91 17.74
N ASN D 226 16.36 -4.56 18.79
CA ASN D 226 16.32 -5.41 20.00
C ASN D 226 14.94 -5.40 20.71
N TYR D 227 14.17 -6.46 20.54
CA TYR D 227 12.90 -6.69 21.19
C TYR D 227 13.26 -7.40 22.43
N ARG D 228 13.58 -6.61 23.38
CA ARG D 228 13.84 -7.08 24.73
C ARG D 228 12.85 -8.11 25.38
N TYR D 229 13.43 -9.16 25.93
CA TYR D 229 12.64 -10.18 26.62
C TYR D 229 11.82 -9.61 27.77
N ASP D 230 12.46 -8.75 28.59
CA ASP D 230 11.77 -8.22 29.78
C ASP D 230 10.47 -7.52 29.37
N ARG D 231 10.55 -6.82 28.29
CA ARG D 231 9.39 -6.31 27.62
C ARG D 231 8.44 -7.36 27.08
N SER D 232 9.00 -8.22 26.24
CA SER D 232 8.16 -9.07 25.41
C SER D 232 7.46 -10.12 26.30
N ARG D 233 8.21 -10.64 27.31
CA ARG D 233 7.77 -11.69 28.22
C ARG D 233 6.64 -11.07 29.03
N GLU D 234 6.83 -9.81 29.32
CA GLU D 234 5.88 -9.10 30.15
C GLU D 234 4.49 -8.95 29.48
N VAL D 235 4.54 -8.62 28.21
CA VAL D 235 3.38 -8.67 27.33
C VAL D 235 2.63 -10.00 27.54
N LEU D 236 3.34 -11.14 27.47
CA LEU D 236 2.63 -12.40 27.43
C LEU D 236 1.99 -12.67 28.78
N HIS D 237 2.67 -12.24 29.82
CA HIS D 237 2.21 -12.41 31.15
C HIS D 237 1.00 -11.51 31.38
N ASP D 238 0.99 -10.33 30.83
CA ASP D 238 -0.18 -9.36 31.11
C ASP D 238 -1.40 -9.78 30.43
N LEU D 239 -1.23 -10.39 29.26
CA LEU D 239 -2.26 -10.95 28.57
C LEU D 239 -3.02 -12.05 29.24
N THR D 240 -2.40 -12.96 30.02
CA THR D 240 -3.08 -14.06 30.82
C THR D 240 -4.04 -13.46 31.81
N ARG D 241 -3.78 -12.28 32.38
CA ARG D 241 -4.84 -11.62 33.26
C ARG D 241 -6.08 -11.10 32.50
N LEU D 242 -6.00 -10.97 31.14
CA LEU D 242 -6.95 -10.20 30.38
C LEU D 242 -7.91 -11.11 29.55
N GLY D 243 -7.61 -12.36 29.34
CA GLY D 243 -8.55 -13.18 28.61
C GLY D 243 -8.12 -14.61 28.69
N ASP D 244 -8.77 -15.44 27.88
CA ASP D 244 -8.56 -16.87 27.79
C ASP D 244 -7.57 -17.15 26.69
N ALA D 245 -6.76 -18.18 26.90
CA ALA D 245 -5.90 -18.63 25.92
C ALA D 245 -6.56 -19.11 24.67
N ASP D 246 -5.88 -19.05 23.60
CA ASP D 246 -6.30 -19.58 22.30
C ASP D 246 -5.93 -21.06 22.39
N GLU D 247 -6.77 -21.89 21.82
CA GLU D 247 -6.63 -23.27 22.11
C GLU D 247 -5.62 -23.93 21.28
N TRP D 248 -5.27 -23.34 20.15
CA TRP D 248 -4.11 -23.83 19.38
C TRP D 248 -2.71 -23.34 19.82
N ASP D 249 -2.60 -22.01 20.11
CA ASP D 249 -1.41 -21.38 20.29
C ASP D 249 -1.14 -20.79 21.67
N GLY D 250 -2.05 -20.93 22.62
CA GLY D 250 -1.80 -20.22 23.87
C GLY D 250 -1.96 -18.68 23.81
N TYR D 251 -1.04 -17.95 24.47
CA TYR D 251 -1.01 -16.50 24.32
C TYR D 251 0.16 -16.09 23.41
N LYS D 252 -0.10 -15.93 22.14
CA LYS D 252 0.86 -15.71 21.03
C LYS D 252 0.77 -14.30 20.44
N ARG D 254 3.04 -11.49 17.60
CA ARG D 254 4.03 -11.31 16.58
C ARG D 254 4.74 -10.08 16.84
N TYR D 255 6.05 -10.13 16.58
CA TYR D 255 6.91 -8.97 16.80
C TYR D 255 6.61 -8.05 15.55
N VAL D 256 6.52 -6.75 15.75
CA VAL D 256 6.08 -5.78 14.69
C VAL D 256 7.05 -4.63 14.40
N ASN D 257 7.18 -4.31 13.15
CA ASN D 257 7.91 -3.14 12.67
C ASN D 257 7.06 -1.96 12.88
N PRO D 258 7.42 -1.07 13.81
CA PRO D 258 6.54 0.10 14.13
C PRO D 258 6.45 1.11 12.99
N VAL D 259 7.38 1.11 12.11
CA VAL D 259 7.17 1.92 10.87
C VAL D 259 6.12 1.49 9.86
N THR D 260 5.71 0.26 9.85
CA THR D 260 4.77 -0.28 8.79
C THR D 260 3.69 -1.21 9.41
N GLY D 261 3.86 -1.50 10.65
CA GLY D 261 3.03 -2.50 11.24
C GLY D 261 3.34 -3.91 10.75
N GLY D 262 4.33 -3.99 9.89
CA GLY D 262 4.54 -5.22 9.14
C GLY D 262 5.43 -6.15 9.90
N TYR D 263 6.05 -7.10 9.15
CA TYR D 263 7.17 -7.95 9.81
C TYR D 263 8.44 -7.20 10.13
N PRO D 264 9.14 -7.60 11.17
CA PRO D 264 10.36 -6.98 11.59
C PRO D 264 11.33 -6.98 10.46
N PRO D 266 11.63 -8.32 6.07
CA PRO D 266 10.84 -8.70 4.88
C PRO D 266 10.68 -10.22 4.69
N SER D 267 11.68 -11.03 5.03
CA SER D 267 11.59 -12.41 4.69
C SER D 267 11.19 -13.37 5.82
N GLY D 269 9.40 -13.89 9.67
CA GLY D 269 8.50 -13.37 10.65
C GLY D 269 8.88 -14.09 11.92
N ALA D 270 8.48 -13.50 13.03
CA ALA D 270 8.92 -13.95 14.30
C ALA D 270 7.87 -13.84 15.27
N PHE D 271 7.76 -14.85 16.19
CA PHE D 271 6.71 -14.95 17.20
C PHE D 271 7.15 -15.33 18.60
N LEU D 272 6.45 -14.78 19.60
CA LEU D 272 6.69 -15.26 20.91
C LEU D 272 5.35 -15.77 21.48
N GLN D 273 5.34 -16.96 22.08
CA GLN D 273 4.09 -17.53 22.64
C GLN D 273 4.31 -18.11 24.06
N LEU D 274 3.27 -17.99 24.90
CA LEU D 274 3.24 -18.60 26.24
C LEU D 274 2.14 -19.71 26.30
N LEU D 275 2.48 -20.86 26.83
CA LEU D 275 1.62 -22.01 27.00
C LEU D 275 1.65 -22.40 28.48
N PRO D 276 0.64 -22.02 29.22
CA PRO D 276 0.56 -22.20 30.70
C PRO D 276 0.70 -23.63 31.15
N LYS D 277 1.20 -23.83 32.34
CA LYS D 277 1.33 -25.13 32.82
C LYS D 277 0.03 -25.93 32.68
N GLY D 278 0.11 -27.11 32.17
CA GLY D 278 -1.02 -28.05 32.04
C GLY D 278 -1.76 -27.84 30.69
N PHE D 279 -1.15 -27.11 29.74
CA PHE D 279 -1.81 -26.81 28.47
C PHE D 279 -1.85 -28.01 27.46
N ALA D 280 -2.98 -28.33 26.89
CA ALA D 280 -2.95 -29.35 25.89
C ALA D 280 -3.68 -28.70 24.73
N SER D 281 -3.01 -28.06 23.87
CA SER D 281 -3.64 -27.27 22.80
C SER D 281 -4.13 -28.32 21.79
N ARG D 282 -4.77 -27.85 20.73
CA ARG D 282 -5.19 -28.63 19.60
C ARG D 282 -4.19 -28.62 18.46
N VAL D 283 -4.52 -29.39 17.42
CA VAL D 283 -3.71 -29.48 16.15
C VAL D 283 -3.88 -28.27 15.15
N ALA D 284 -2.76 -27.59 14.83
CA ALA D 284 -2.72 -26.63 13.74
C ALA D 284 -1.80 -27.01 12.66
N ARG D 285 -2.08 -26.53 11.40
CA ARG D 285 -1.15 -26.59 10.31
C ARG D 285 -0.96 -25.19 9.70
N THR D 286 0.29 -24.86 9.27
CA THR D 286 0.53 -23.70 8.51
C THR D 286 1.45 -24.09 7.44
N THR D 287 1.57 -23.27 6.41
CA THR D 287 2.49 -23.47 5.29
C THR D 287 3.87 -22.99 5.53
N ASP D 288 4.05 -22.38 6.70
CA ASP D 288 5.35 -21.89 7.05
C ASP D 288 6.26 -22.82 7.89
N SER D 289 7.16 -23.56 7.27
CA SER D 289 7.94 -24.41 8.08
C SER D 289 8.56 -23.52 9.16
N THR D 290 8.50 -23.96 10.45
CA THR D 290 8.68 -23.11 11.56
C THR D 290 9.76 -23.60 12.56
N ILE D 291 10.72 -22.72 12.88
CA ILE D 291 11.78 -23.09 13.77
C ILE D 291 11.37 -22.59 15.12
N TYR D 292 11.09 -23.52 16.05
CA TYR D 292 10.75 -23.18 17.47
C TYR D 292 11.95 -23.41 18.41
N HIS D 293 11.92 -22.64 19.47
CA HIS D 293 12.96 -22.57 20.42
C HIS D 293 12.37 -22.34 21.78
N VAL D 294 12.68 -23.21 22.75
CA VAL D 294 12.03 -23.12 24.05
C VAL D 294 12.78 -22.18 24.86
N VAL D 295 12.27 -20.96 25.16
CA VAL D 295 13.04 -20.06 25.97
C VAL D 295 13.03 -20.32 27.47
N GLU D 296 11.91 -20.92 27.88
CA GLU D 296 11.69 -21.43 29.21
C GLU D 296 10.54 -22.45 29.17
N GLY D 297 10.50 -23.32 30.19
CA GLY D 297 9.41 -24.22 30.36
C GLY D 297 9.74 -25.53 29.85
N SER D 298 8.69 -26.39 29.69
CA SER D 298 8.86 -27.73 29.23
C SER D 298 7.63 -28.53 28.98
N GLY D 299 7.75 -29.69 28.32
CA GLY D 299 6.61 -30.49 28.07
C GLY D 299 6.92 -31.31 26.87
N GLN D 300 5.88 -31.69 26.12
CA GLN D 300 5.93 -32.31 24.82
C GLN D 300 5.34 -31.57 23.68
N VAL D 301 5.74 -31.98 22.45
CA VAL D 301 5.17 -31.50 21.25
C VAL D 301 4.90 -32.62 20.37
N ILE D 302 3.83 -32.52 19.62
CA ILE D 302 3.65 -33.49 18.56
C ILE D 302 3.60 -32.77 17.20
N ILE D 303 4.44 -33.25 16.26
CA ILE D 303 4.71 -32.71 14.94
C ILE D 303 4.24 -33.65 13.86
N GLY D 304 2.91 -33.64 13.59
CA GLY D 304 2.21 -34.65 12.83
C GLY D 304 2.87 -35.95 13.14
N ASN D 305 2.37 -36.68 14.11
CA ASN D 305 2.93 -38.11 14.39
C ASN D 305 4.12 -38.28 15.32
N GLU D 306 5.28 -37.80 14.85
CA GLU D 306 6.48 -37.79 15.70
C GLU D 306 6.22 -36.97 16.91
N THR D 307 6.66 -37.45 18.07
CA THR D 307 6.60 -36.66 19.29
C THR D 307 7.93 -36.35 19.92
N PHE D 308 8.03 -35.20 20.57
CA PHE D 308 9.27 -34.90 21.20
C PHE D 308 9.08 -34.33 22.61
N SER D 309 10.01 -34.61 23.54
CA SER D 309 10.04 -33.97 24.90
C SER D 309 10.93 -32.74 24.84
N PHE D 310 10.56 -31.63 25.42
CA PHE D 310 11.39 -30.44 25.33
C PHE D 310 11.54 -29.86 26.68
N SER D 311 12.67 -29.21 26.78
CA SER D 311 13.04 -28.61 28.07
C SER D 311 13.65 -27.30 27.56
N ALA D 312 14.07 -26.44 28.43
CA ALA D 312 14.60 -25.16 28.22
C ALA D 312 15.70 -25.11 27.29
N LYS D 313 15.61 -24.16 26.37
CA LYS D 313 16.57 -23.93 25.25
C LYS D 313 16.59 -25.00 24.09
N ASP D 314 15.82 -26.07 24.19
CA ASP D 314 15.68 -26.89 22.95
C ASP D 314 15.15 -26.14 21.78
N ILE D 315 15.31 -26.72 20.66
CA ILE D 315 14.95 -26.22 19.39
C ILE D 315 14.29 -27.29 18.45
N PHE D 316 13.10 -27.01 17.90
CA PHE D 316 12.56 -28.03 16.97
C PHE D 316 12.02 -27.36 15.78
N VAL D 317 11.81 -28.05 14.68
CA VAL D 317 11.34 -27.46 13.45
C VAL D 317 9.97 -28.14 13.08
N VAL D 318 8.97 -27.38 12.61
CA VAL D 318 7.71 -27.98 12.26
C VAL D 318 7.54 -27.67 10.78
N PRO D 319 7.70 -28.67 9.89
CA PRO D 319 7.53 -28.48 8.47
C PRO D 319 6.22 -28.12 7.99
N THR D 320 6.13 -27.71 6.70
CA THR D 320 4.86 -27.34 6.19
C THR D 320 3.74 -28.42 6.40
N TRP D 321 2.58 -27.97 6.77
CA TRP D 321 1.42 -28.86 6.86
C TRP D 321 1.58 -30.09 7.83
N HIS D 322 2.40 -29.96 8.85
CA HIS D 322 2.53 -31.02 9.79
C HIS D 322 1.78 -30.56 10.95
N GLY D 323 0.82 -31.37 11.41
CA GLY D 323 0.07 -30.82 12.56
C GLY D 323 0.97 -30.55 13.75
N VAL D 324 0.69 -29.52 14.54
CA VAL D 324 1.51 -29.26 15.78
C VAL D 324 0.70 -29.04 16.98
N SER D 325 1.14 -29.64 18.10
CA SER D 325 0.41 -29.50 19.37
C SER D 325 1.24 -29.46 20.50
N PHE D 326 0.84 -28.74 21.50
CA PHE D 326 1.65 -28.69 22.61
C PHE D 326 0.95 -29.20 23.87
N GLN D 327 1.76 -29.89 24.69
CA GLN D 327 1.34 -30.39 26.08
C GLN D 327 2.41 -30.05 27.01
N THR D 328 2.12 -29.08 27.88
CA THR D 328 3.10 -28.51 28.71
C THR D 328 2.95 -28.93 30.12
N THR D 329 4.09 -29.09 30.83
CA THR D 329 4.16 -29.33 32.30
C THR D 329 4.72 -28.11 33.10
N GLN D 330 5.38 -27.20 32.42
CA GLN D 330 5.53 -25.87 32.91
C GLN D 330 4.99 -24.71 32.03
N ASP D 331 4.89 -23.50 32.59
CA ASP D 331 4.66 -22.29 31.77
C ASP D 331 5.74 -22.16 30.68
N SER D 332 5.49 -22.57 29.49
CA SER D 332 6.47 -22.57 28.53
C SER D 332 6.38 -21.36 27.57
N VAL D 333 7.54 -20.73 27.20
CA VAL D 333 7.59 -19.56 26.34
C VAL D 333 8.35 -19.96 25.17
N LEU D 334 7.72 -20.08 23.98
CA LEU D 334 8.32 -20.50 22.76
C LEU D 334 8.53 -19.41 21.76
N PHE D 335 9.68 -19.38 21.15
CA PHE D 335 10.15 -18.43 20.14
C PHE D 335 10.13 -19.08 18.86
N SER D 336 9.57 -18.47 17.83
CA SER D 336 9.66 -19.11 16.49
C SER D 336 9.85 -18.17 15.40
N PHE D 337 10.18 -18.69 14.26
CA PHE D 337 10.40 -17.85 13.08
C PHE D 337 10.25 -18.64 11.81
N SER D 338 9.90 -18.03 10.73
CA SER D 338 9.71 -18.76 9.53
C SER D 338 9.63 -17.84 8.37
N ASP D 339 9.48 -18.37 7.14
CA ASP D 339 9.42 -17.51 5.94
C ASP D 339 7.96 -16.98 5.64
N ARG D 340 7.08 -16.94 6.64
CA ARG D 340 5.75 -16.57 6.51
C ARG D 340 5.61 -15.36 5.72
N PRO D 341 6.38 -14.31 5.99
CA PRO D 341 6.17 -13.03 5.27
C PRO D 341 6.30 -13.27 3.73
N VAL D 342 7.16 -14.14 3.23
CA VAL D 342 7.39 -14.19 1.86
C VAL D 342 6.11 -14.81 1.31
N GLN D 343 5.59 -15.79 2.04
CA GLN D 343 4.36 -16.45 1.61
C GLN D 343 3.11 -15.53 1.55
N GLU D 344 2.92 -14.72 2.56
CA GLU D 344 1.81 -13.90 2.63
C GLU D 344 2.04 -12.85 1.50
N ALA D 345 3.24 -12.54 1.16
CA ALA D 345 3.41 -11.46 0.17
C ALA D 345 2.88 -11.95 -1.15
N LEU D 346 3.31 -13.13 -1.51
CA LEU D 346 2.72 -13.90 -2.69
C LEU D 346 1.42 -14.32 -2.09
N GLY D 347 0.40 -14.82 -2.74
CA GLY D 347 -0.78 -15.00 -1.80
C GLY D 347 -0.87 -16.43 -1.33
N LEU D 348 0.24 -17.00 -0.84
CA LEU D 348 0.37 -18.51 -0.70
C LEU D 348 0.30 -19.00 0.82
N PHE D 349 0.14 -18.07 1.74
CA PHE D 349 0.05 -18.55 3.11
C PHE D 349 -1.31 -19.22 3.28
N ARG D 350 -1.43 -20.17 4.18
CA ARG D 350 -2.60 -20.98 4.43
C ARG D 350 -2.51 -21.59 5.77
N GLU D 351 -3.61 -21.65 6.46
CA GLU D 351 -3.60 -22.07 7.85
C GLU D 351 -4.80 -23.02 8.06
N ALA D 352 -4.66 -24.00 8.94
CA ALA D 352 -5.78 -24.86 9.30
C ALA D 352 -5.65 -25.19 10.71
N ARG D 353 -6.61 -24.78 11.48
CA ARG D 353 -6.69 -25.19 12.86
C ARG D 353 -7.44 -26.55 13.22
N TYR D 354 -6.89 -27.65 12.82
CA TYR D 354 -7.50 -29.03 12.97
C TYR D 354 -6.77 -30.21 12.42
#